data_7C2F
#
_entry.id   7C2F
#
_cell.length_a   57.427
_cell.length_b   108.626
_cell.length_c   167.522
_cell.angle_alpha   90.000
_cell.angle_beta   90.000
_cell.angle_gamma   90.000
#
_symmetry.space_group_name_H-M   'P 21 21 21'
#
loop_
_entity.id
_entity.type
_entity.pdbx_description
1 polymer 'Actin, alpha skeletal muscle'
2 polymer 'Gelsolin-like domain-containing protein'
3 non-polymer 'LATRUNCULIN B'
4 non-polymer "ADENOSINE-5'-TRIPHOSPHATE"
5 non-polymer 'MAGNESIUM ION'
6 water water
#
loop_
_entity_poly.entity_id
_entity_poly.type
_entity_poly.pdbx_seq_one_letter_code
_entity_poly.pdbx_strand_id
1 'polypeptide(L)'
;DEDETTALVCDNGSGLVKAGFAGDDAPRAVFPSIVGRPRHQGVMVGMGQKDSYVGDEAQSKRGILTLKYPIE(HIC)GII
TNWDDMEKIWHHTFYNELRVAPEEHPTLLTEAPLNPKANREKMTQIMFETFNVPAMYVAIQAVLSLYASGRTTGIVLDSG
DGVTHNVPIYEGYALPHAIMRLDLAGRDLTDYLMKILTERGYSFVTTAEREIVRDIKEKLCYVALDFENEMATAASSSSL
EKSYELPDGQVITIGNERFRCPETLFQPSFIGMESAGIHETTYNSIMKCDIDIRKDLYANNVMSGGTTMYPGIADRMQKE
ITALAPSTMKIKIIAPPERKYSVWIGGSILASLSTFQQMWITKQEYDEAGPSIVHRKCF
;
A,C
2 'polypeptide(L)'
;GPMVEAFEIDSDAKLTETKARASTIDTEKVLVFIDHDEKTIYLWRGAKAELFKKLMGTRVAAKLSHNYPKYRIRPITEGS
EPAAFLDLLGIKRT
;
B,D
#
# COMPACT_ATOMS: atom_id res chain seq x y z
N THR A 5 -23.80 -2.28 13.86
CA THR A 5 -22.71 -1.61 13.15
C THR A 5 -21.43 -1.69 13.98
N THR A 6 -21.53 -2.28 15.16
CA THR A 6 -20.37 -2.45 16.03
C THR A 6 -19.59 -3.70 15.61
N ALA A 7 -18.27 -3.57 15.52
CA ALA A 7 -17.44 -4.70 15.14
C ALA A 7 -17.21 -5.63 16.32
N LEU A 8 -17.04 -6.91 16.02
CA LEU A 8 -16.71 -7.92 17.01
C LEU A 8 -15.24 -8.30 16.90
N VAL A 9 -14.64 -8.65 18.03
CA VAL A 9 -13.26 -9.13 18.09
C VAL A 9 -13.25 -10.46 18.84
N CYS A 10 -12.72 -11.49 18.19
CA CYS A 10 -12.65 -12.83 18.77
C CYS A 10 -11.24 -13.37 18.62
N ASP A 11 -10.60 -13.67 19.75
CA ASP A 11 -9.25 -14.25 19.79
C ASP A 11 -9.40 -15.69 20.26
N ASN A 12 -9.28 -16.62 19.32
CA ASN A 12 -9.51 -18.04 19.59
C ASN A 12 -8.21 -18.70 20.02
N GLY A 13 -8.05 -18.95 21.31
CA GLY A 13 -6.89 -19.62 21.83
C GLY A 13 -7.10 -21.13 22.00
N SER A 14 -5.97 -21.83 22.17
CA SER A 14 -6.04 -23.26 22.44
C SER A 14 -6.79 -23.54 23.73
N GLY A 15 -6.73 -22.62 24.69
CA GLY A 15 -7.35 -22.82 25.99
C GLY A 15 -8.53 -21.92 26.26
N LEU A 16 -8.39 -20.63 25.94
CA LEU A 16 -9.43 -19.65 26.25
C LEU A 16 -9.81 -18.86 25.00
N VAL A 17 -11.12 -18.68 24.82
CA VAL A 17 -11.64 -17.70 23.88
C VAL A 17 -11.68 -16.35 24.57
N LYS A 18 -11.15 -15.33 23.91
CA LYS A 18 -11.31 -13.93 24.32
C LYS A 18 -12.14 -13.23 23.26
N ALA A 19 -13.33 -12.76 23.62
CA ALA A 19 -14.24 -12.17 22.66
C ALA A 19 -14.90 -10.94 23.26
N GLY A 20 -15.31 -10.03 22.38
CA GLY A 20 -15.94 -8.81 22.82
C GLY A 20 -16.20 -7.88 21.64
N PHE A 21 -16.47 -6.63 21.97
CA PHE A 21 -16.84 -5.63 20.97
C PHE A 21 -15.66 -4.70 20.75
N ALA A 22 -15.34 -4.45 19.49
CA ALA A 22 -14.32 -3.45 19.16
C ALA A 22 -14.63 -2.16 19.91
N GLY A 23 -13.61 -1.60 20.55
CA GLY A 23 -13.76 -0.39 21.32
C GLY A 23 -13.95 -0.60 22.80
N ASP A 24 -14.30 -1.81 23.23
CA ASP A 24 -14.28 -2.10 24.66
C ASP A 24 -12.83 -2.15 25.17
N ASP A 25 -12.66 -1.86 26.46
CA ASP A 25 -11.33 -1.81 27.03
C ASP A 25 -10.71 -3.19 27.19
N ALA A 26 -11.53 -4.23 27.22
CA ALA A 26 -11.07 -5.58 27.51
C ALA A 26 -12.12 -6.57 27.02
N PRO A 27 -11.77 -7.84 26.85
CA PRO A 27 -12.75 -8.80 26.33
C PRO A 27 -13.88 -9.03 27.31
N ARG A 28 -15.11 -8.83 26.83
CA ARG A 28 -16.30 -9.04 27.64
C ARG A 28 -16.47 -10.50 28.01
N ALA A 29 -16.06 -11.42 27.14
CA ALA A 29 -16.31 -12.84 27.30
C ALA A 29 -15.00 -13.59 27.22
N VAL A 30 -14.60 -14.21 28.33
CA VAL A 30 -13.43 -15.08 28.39
C VAL A 30 -13.89 -16.42 28.90
N PHE A 31 -13.80 -17.46 28.07
CA PHE A 31 -14.38 -18.74 28.43
C PHE A 31 -13.59 -19.86 27.77
N PRO A 32 -13.63 -21.06 28.33
CA PRO A 32 -12.79 -22.15 27.82
C PRO A 32 -13.15 -22.57 26.40
N SER A 33 -12.12 -22.88 25.62
CA SER A 33 -12.30 -23.33 24.24
CA SER A 33 -12.30 -23.33 24.24
C SER A 33 -12.45 -24.85 24.21
N ILE A 34 -13.58 -25.31 24.74
CA ILE A 34 -13.86 -26.72 24.86
C ILE A 34 -15.27 -27.02 24.36
N VAL A 35 -15.47 -28.25 23.90
CA VAL A 35 -16.79 -28.80 23.67
C VAL A 35 -16.86 -30.11 24.44
N GLY A 36 -17.82 -30.22 25.34
CA GLY A 36 -18.01 -31.42 26.15
C GLY A 36 -19.20 -32.21 25.67
N ARG A 37 -19.09 -33.54 25.77
CA ARG A 37 -20.16 -34.42 25.40
C ARG A 37 -20.36 -35.50 26.47
N PRO A 38 -21.60 -35.88 26.76
CA PRO A 38 -21.82 -36.97 27.72
C PRO A 38 -21.39 -38.30 27.13
N ARG A 39 -20.88 -39.16 28.01
CA ARG A 39 -20.31 -40.42 27.55
C ARG A 39 -21.38 -41.37 27.03
N HIS A 40 -22.60 -41.28 27.54
CA HIS A 40 -23.59 -42.32 27.35
C HIS A 40 -24.31 -42.13 26.01
N GLN A 41 -24.76 -43.25 25.44
CA GLN A 41 -25.19 -43.32 24.05
C GLN A 41 -24.10 -42.87 23.08
N GLY A 42 -22.85 -42.80 23.53
CA GLY A 42 -21.72 -42.56 22.65
C GLY A 42 -21.74 -41.20 21.97
N ASP A 51 -26.20 -34.68 22.24
CA ASP A 51 -25.99 -33.23 22.17
C ASP A 51 -24.60 -32.87 22.72
N SER A 52 -24.37 -31.58 22.89
CA SER A 52 -23.05 -31.09 23.29
C SER A 52 -23.22 -29.87 24.18
N TYR A 53 -22.12 -29.50 24.83
CA TYR A 53 -22.06 -28.31 25.68
C TYR A 53 -20.78 -27.55 25.36
N VAL A 54 -20.85 -26.23 25.39
CA VAL A 54 -19.76 -25.37 24.95
C VAL A 54 -19.36 -24.43 26.07
N GLY A 55 -18.05 -24.16 26.17
CA GLY A 55 -17.56 -23.14 27.07
C GLY A 55 -17.87 -23.43 28.52
N ASP A 56 -18.37 -22.42 29.22
CA ASP A 56 -18.65 -22.56 30.65
C ASP A 56 -19.63 -23.69 30.92
N GLU A 57 -20.57 -23.93 30.00
CA GLU A 57 -21.54 -24.99 30.21
C GLU A 57 -20.88 -26.37 30.19
N ALA A 58 -19.77 -26.51 29.48
CA ALA A 58 -19.05 -27.78 29.48
C ALA A 58 -18.34 -28.02 30.80
N GLN A 59 -17.67 -27.00 31.34
CA GLN A 59 -16.95 -27.20 32.59
C GLN A 59 -17.92 -27.38 33.76
N SER A 60 -19.07 -26.70 33.75
CA SER A 60 -20.01 -26.85 34.84
CA SER A 60 -20.03 -26.84 34.83
C SER A 60 -20.45 -28.29 35.03
N LYS A 61 -20.33 -29.13 34.00
CA LYS A 61 -20.59 -30.56 34.06
C LYS A 61 -19.36 -31.39 33.70
N ARG A 62 -18.18 -30.93 34.12
CA ARG A 62 -16.94 -31.55 33.64
C ARG A 62 -16.88 -33.02 34.01
N GLY A 63 -17.65 -33.46 35.01
CA GLY A 63 -17.67 -34.86 35.39
C GLY A 63 -18.29 -35.78 34.35
N ILE A 64 -19.56 -35.54 34.01
CA ILE A 64 -20.27 -36.43 33.11
C ILE A 64 -19.87 -36.27 31.64
N LEU A 65 -19.03 -35.30 31.33
CA LEU A 65 -18.72 -34.96 29.95
C LEU A 65 -17.28 -35.28 29.59
N THR A 66 -17.08 -35.75 28.36
CA THR A 66 -15.76 -35.82 27.73
C THR A 66 -15.47 -34.48 27.06
N LEU A 67 -14.28 -33.93 27.31
CA LEU A 67 -13.91 -32.64 26.77
C LEU A 67 -13.02 -32.80 25.55
N LYS A 68 -13.25 -31.96 24.54
CA LYS A 68 -12.37 -31.84 23.39
C LYS A 68 -11.99 -30.38 23.21
N TYR A 69 -10.71 -30.14 22.94
CA TYR A 69 -10.22 -28.82 22.59
C TYR A 69 -10.17 -28.74 21.08
N PRO A 70 -10.98 -27.92 20.41
CA PRO A 70 -10.92 -27.87 18.94
C PRO A 70 -9.65 -27.23 18.40
N ILE A 71 -8.96 -26.42 19.20
CA ILE A 71 -7.71 -25.78 18.79
C ILE A 71 -6.57 -26.45 19.54
N GLU A 72 -5.61 -26.97 18.78
CA GLU A 72 -4.42 -27.60 19.35
C GLU A 72 -3.17 -26.84 18.91
N GLY A 74 -2.61 -23.85 18.94
CA GLY A 74 -3.01 -22.64 18.25
C GLY A 74 -3.64 -22.85 16.88
N ILE A 75 -3.66 -24.11 16.42
CA ILE A 75 -4.19 -24.45 15.10
C ILE A 75 -5.56 -25.10 15.27
N ILE A 76 -6.53 -24.63 14.48
CA ILE A 76 -7.85 -25.26 14.47
C ILE A 76 -7.71 -26.64 13.83
N THR A 77 -8.10 -27.68 14.56
CA THR A 77 -8.02 -29.05 14.06
C THR A 77 -9.36 -29.79 14.07
N ASN A 78 -10.36 -29.32 14.81
CA ASN A 78 -11.70 -29.92 14.80
C ASN A 78 -12.68 -28.84 14.37
N TRP A 79 -13.04 -28.85 13.08
CA TRP A 79 -13.82 -27.75 12.52
C TRP A 79 -15.29 -27.82 12.92
N ASP A 80 -15.85 -29.01 13.07
CA ASP A 80 -17.23 -29.12 13.54
C ASP A 80 -17.36 -28.54 14.94
N ASP A 81 -16.44 -28.90 15.83
CA ASP A 81 -16.48 -28.36 17.18
C ASP A 81 -16.07 -26.89 17.22
N MET A 82 -15.18 -26.46 16.31
CA MET A 82 -14.87 -25.04 16.24
C MET A 82 -16.11 -24.24 15.85
N GLU A 83 -16.91 -24.74 14.91
CA GLU A 83 -18.16 -24.08 14.56
C GLU A 83 -19.05 -23.89 15.78
N LYS A 84 -19.13 -24.90 16.65
CA LYS A 84 -19.94 -24.78 17.85
C LYS A 84 -19.41 -23.67 18.75
N ILE A 85 -18.08 -23.54 18.85
CA ILE A 85 -17.52 -22.49 19.69
C ILE A 85 -17.86 -21.11 19.13
N TRP A 86 -17.78 -20.95 17.82
CA TRP A 86 -18.13 -19.67 17.22
C TRP A 86 -19.61 -19.36 17.41
N HIS A 87 -20.48 -20.35 17.17
CA HIS A 87 -21.90 -20.17 17.40
C HIS A 87 -22.16 -19.77 18.85
N HIS A 88 -21.51 -20.47 19.78
CA HIS A 88 -21.64 -20.15 21.20
C HIS A 88 -21.16 -18.72 21.47
N THR A 89 -20.01 -18.35 20.90
CA THR A 89 -19.49 -17.00 21.07
C THR A 89 -20.53 -15.95 20.67
N PHE A 90 -21.06 -16.07 19.45
CA PHE A 90 -22.00 -15.07 18.94
C PHE A 90 -23.28 -15.05 19.77
N TYR A 91 -23.97 -16.19 19.85
CA TYR A 91 -25.35 -16.22 20.29
C TYR A 91 -25.49 -16.29 21.81
N ASN A 92 -24.59 -16.99 22.49
CA ASN A 92 -24.72 -17.18 23.94
C ASN A 92 -23.88 -16.20 24.75
N GLU A 93 -22.64 -15.94 24.35
CA GLU A 93 -21.77 -15.06 25.12
C GLU A 93 -21.98 -13.59 24.76
N LEU A 94 -21.75 -13.24 23.49
CA LEU A 94 -21.92 -11.85 23.07
C LEU A 94 -23.39 -11.48 22.85
N ARG A 95 -24.25 -12.47 22.62
CA ARG A 95 -25.69 -12.25 22.42
CA ARG A 95 -25.69 -12.21 22.44
C ARG A 95 -25.92 -11.28 21.25
N VAL A 96 -25.39 -11.68 20.09
CA VAL A 96 -25.52 -10.93 18.85
C VAL A 96 -25.95 -11.89 17.75
N ALA A 97 -26.48 -11.33 16.67
CA ALA A 97 -26.63 -12.07 15.44
C ALA A 97 -25.42 -11.78 14.57
N PRO A 98 -24.65 -12.78 14.16
CA PRO A 98 -23.38 -12.47 13.48
C PRO A 98 -23.56 -11.79 12.14
N GLU A 99 -24.68 -12.06 11.44
CA GLU A 99 -24.90 -11.40 10.16
C GLU A 99 -25.03 -9.89 10.28
N GLU A 100 -25.07 -9.34 11.49
CA GLU A 100 -25.21 -7.91 11.72
C GLU A 100 -23.91 -7.21 12.07
N HIS A 101 -22.79 -7.94 12.18
CA HIS A 101 -21.56 -7.37 12.74
C HIS A 101 -20.31 -7.78 11.96
N PRO A 102 -19.50 -6.82 11.52
CA PRO A 102 -18.15 -7.16 11.07
C PRO A 102 -17.39 -7.86 12.18
N THR A 103 -16.60 -8.87 11.82
CA THR A 103 -15.98 -9.74 12.80
C THR A 103 -14.49 -9.87 12.51
N LEU A 104 -13.67 -9.40 13.46
CA LEU A 104 -12.22 -9.60 13.39
C LEU A 104 -11.85 -10.85 14.18
N LEU A 105 -11.12 -11.75 13.54
CA LEU A 105 -10.64 -12.98 14.15
C LEU A 105 -9.12 -12.97 14.17
N THR A 106 -8.56 -13.84 15.01
CA THR A 106 -7.12 -13.97 15.11
C THR A 106 -6.69 -15.38 14.70
N GLU A 107 -5.41 -15.53 14.39
CA GLU A 107 -4.86 -16.82 14.00
C GLU A 107 -3.43 -16.91 14.53
N ALA A 108 -2.93 -18.13 14.58
CA ALA A 108 -1.57 -18.34 15.03
C ALA A 108 -0.59 -17.91 13.93
N PRO A 109 0.63 -17.55 14.30
CA PRO A 109 1.69 -17.38 13.30
C PRO A 109 1.82 -18.66 12.48
N LEU A 110 2.08 -18.50 11.18
CA LEU A 110 2.30 -19.60 10.26
C LEU A 110 1.08 -20.49 10.08
N ASN A 111 -0.11 -19.97 10.38
CA ASN A 111 -1.34 -20.72 10.15
C ASN A 111 -1.41 -21.15 8.69
N PRO A 112 -1.63 -22.43 8.39
CA PRO A 112 -1.67 -22.85 6.99
C PRO A 112 -2.75 -22.11 6.21
N LYS A 113 -2.46 -21.92 4.92
CA LYS A 113 -3.34 -21.13 4.06
C LYS A 113 -4.72 -21.76 3.96
N ALA A 114 -4.80 -23.09 3.91
CA ALA A 114 -6.09 -23.76 3.83
C ALA A 114 -6.94 -23.48 5.07
N ASN A 115 -6.31 -23.40 6.24
CA ASN A 115 -7.07 -23.09 7.46
C ASN A 115 -7.65 -21.68 7.40
N ARG A 116 -6.86 -20.72 6.91
CA ARG A 116 -7.36 -19.34 6.82
C ARG A 116 -8.53 -19.26 5.84
N GLU A 117 -8.45 -20.03 4.75
CA GLU A 117 -9.57 -20.06 3.80
C GLU A 117 -10.80 -20.70 4.42
N LYS A 118 -10.62 -21.80 5.15
CA LYS A 118 -11.75 -22.48 5.76
C LYS A 118 -12.44 -21.58 6.78
N MET A 119 -11.65 -20.88 7.59
CA MET A 119 -12.21 -19.94 8.55
C MET A 119 -13.08 -18.91 7.85
N THR A 120 -12.57 -18.36 6.74
CA THR A 120 -13.30 -17.35 5.98
C THR A 120 -14.57 -17.93 5.38
N GLN A 121 -14.48 -19.10 4.74
CA GLN A 121 -15.65 -19.76 4.19
C GLN A 121 -16.75 -19.88 5.25
N ILE A 122 -16.38 -20.39 6.43
CA ILE A 122 -17.37 -20.62 7.48
C ILE A 122 -17.99 -19.31 7.94
N MET A 123 -17.17 -18.27 8.13
CA MET A 123 -17.71 -17.00 8.61
C MET A 123 -18.73 -16.42 7.64
N PHE A 124 -18.47 -16.50 6.34
CA PHE A 124 -19.38 -15.89 5.38
C PHE A 124 -20.55 -16.82 5.05
N GLU A 125 -20.30 -18.12 4.91
CA GLU A 125 -21.33 -19.02 4.43
C GLU A 125 -22.15 -19.65 5.55
N THR A 126 -21.57 -19.86 6.72
CA THR A 126 -22.33 -20.40 7.83
C THR A 126 -22.94 -19.28 8.69
N PHE A 127 -22.13 -18.29 9.05
CA PHE A 127 -22.59 -17.22 9.94
C PHE A 127 -22.98 -15.94 9.20
N ASN A 128 -22.71 -15.84 7.91
CA ASN A 128 -23.21 -14.74 7.09
C ASN A 128 -22.74 -13.39 7.60
N VAL A 129 -21.53 -13.32 8.14
CA VAL A 129 -21.00 -12.06 8.64
C VAL A 129 -21.00 -11.08 7.46
N PRO A 130 -21.25 -9.80 7.70
CA PRO A 130 -21.19 -8.84 6.59
C PRO A 130 -19.77 -8.53 6.15
N ALA A 131 -18.81 -8.72 7.04
CA ALA A 131 -17.41 -8.41 6.76
C ALA A 131 -16.57 -9.12 7.81
N MET A 132 -15.29 -9.33 7.48
CA MET A 132 -14.40 -9.98 8.42
C MET A 132 -12.95 -9.68 8.06
N TYR A 133 -12.08 -10.02 9.01
CA TYR A 133 -10.63 -9.89 8.88
C TYR A 133 -9.98 -10.88 9.83
N VAL A 134 -8.85 -11.44 9.41
CA VAL A 134 -8.05 -12.33 10.25
C VAL A 134 -6.69 -11.68 10.44
N ALA A 135 -6.25 -11.57 11.68
CA ALA A 135 -4.97 -10.97 12.02
C ALA A 135 -4.12 -11.95 12.82
N ILE A 136 -2.81 -11.79 12.73
CA ILE A 136 -1.87 -12.64 13.47
C ILE A 136 -1.84 -12.18 14.92
N GLN A 137 -1.94 -13.13 15.84
CA GLN A 137 -2.08 -12.79 17.25
C GLN A 137 -0.93 -11.93 17.74
N ALA A 138 0.31 -12.33 17.45
CA ALA A 138 1.46 -11.57 17.96
C ALA A 138 1.50 -10.16 17.40
N VAL A 139 1.07 -9.97 16.15
CA VAL A 139 1.05 -8.63 15.57
C VAL A 139 0.10 -7.74 16.36
N LEU A 140 -1.07 -8.26 16.72
CA LEU A 140 -2.01 -7.49 17.52
C LEU A 140 -1.42 -7.08 18.85
N SER A 141 -0.71 -8.00 19.51
N SER A 141 -0.69 -7.99 19.51
CA SER A 141 -0.12 -7.67 20.81
CA SER A 141 -0.12 -7.66 20.81
C SER A 141 0.91 -6.56 20.68
C SER A 141 0.95 -6.59 20.71
N LEU A 142 1.71 -6.58 19.61
CA LEU A 142 2.67 -5.50 19.40
C LEU A 142 1.95 -4.17 19.22
N TYR A 143 0.90 -4.15 18.38
CA TYR A 143 0.12 -2.93 18.22
C TYR A 143 -0.43 -2.44 19.55
N ALA A 144 -0.94 -3.37 20.37
CA ALA A 144 -1.48 -2.97 21.67
C ALA A 144 -0.42 -2.30 22.54
N SER A 145 0.85 -2.67 22.38
CA SER A 145 1.93 -2.04 23.11
C SER A 145 2.34 -0.69 22.54
N GLY A 146 1.72 -0.26 21.43
CA GLY A 146 2.05 1.00 20.82
C GLY A 146 3.19 0.96 19.83
N ARG A 147 3.53 -0.22 19.32
CA ARG A 147 4.67 -0.40 18.42
C ARG A 147 4.22 -1.02 17.11
N THR A 148 4.96 -0.71 16.05
CA THR A 148 4.87 -1.41 14.78
C THR A 148 6.14 -2.18 14.44
N THR A 149 7.20 -2.04 15.25
CA THR A 149 8.42 -2.83 15.11
C THR A 149 8.80 -3.41 16.48
N GLY A 150 9.18 -4.68 16.47
CA GLY A 150 9.59 -5.37 17.68
C GLY A 150 9.52 -6.86 17.46
N ILE A 151 9.92 -7.59 18.50
CA ILE A 151 9.83 -9.05 18.49
C ILE A 151 8.97 -9.48 19.67
N VAL A 152 7.92 -10.24 19.38
CA VAL A 152 6.96 -10.66 20.39
C VAL A 152 7.27 -12.07 20.83
N LEU A 153 7.23 -12.29 22.13
CA LEU A 153 7.13 -13.63 22.70
C LEU A 153 5.67 -13.83 23.12
N ASP A 154 4.95 -14.67 22.39
CA ASP A 154 3.56 -14.96 22.68
C ASP A 154 3.48 -16.40 23.19
N SER A 155 3.13 -16.57 24.45
CA SER A 155 3.07 -17.88 25.09
C SER A 155 1.73 -17.99 25.81
N GLY A 156 0.89 -18.89 25.34
CA GLY A 156 -0.44 -19.05 25.90
C GLY A 156 -0.62 -20.39 26.59
N ASP A 157 -1.66 -21.13 26.21
CA ASP A 157 -1.94 -22.43 26.80
C ASP A 157 -1.40 -23.59 25.98
N GLY A 158 -1.32 -23.45 24.66
CA GLY A 158 -0.99 -24.57 23.81
C GLY A 158 0.25 -24.41 22.95
N VAL A 159 0.71 -23.18 22.73
CA VAL A 159 1.87 -22.96 21.88
C VAL A 159 2.55 -21.65 22.27
N THR A 160 3.86 -21.59 22.01
CA THR A 160 4.68 -20.40 22.21
C THR A 160 5.35 -20.04 20.89
N HIS A 161 5.35 -18.74 20.55
CA HIS A 161 6.00 -18.27 19.34
C HIS A 161 6.93 -17.10 19.63
N ASN A 162 8.01 -17.02 18.85
CA ASN A 162 8.82 -15.83 18.72
C ASN A 162 8.49 -15.20 17.38
N VAL A 163 8.03 -13.96 17.39
CA VAL A 163 7.57 -13.33 16.15
C VAL A 163 8.21 -11.97 15.93
N PRO A 164 9.22 -11.86 15.08
CA PRO A 164 9.74 -10.53 14.73
C PRO A 164 8.83 -9.81 13.75
N ILE A 165 8.66 -8.52 13.98
CA ILE A 165 7.74 -7.69 13.23
C ILE A 165 8.43 -6.38 12.90
N TYR A 166 8.37 -5.98 11.63
CA TYR A 166 9.04 -4.77 11.16
C TYR A 166 8.06 -3.90 10.39
N GLU A 167 7.95 -2.64 10.80
CA GLU A 167 7.08 -1.65 10.15
C GLU A 167 5.69 -2.22 9.90
N GLY A 168 5.15 -2.92 10.89
CA GLY A 168 3.77 -3.36 10.87
C GLY A 168 3.54 -4.80 10.45
N TYR A 169 4.55 -5.49 9.93
CA TYR A 169 4.35 -6.79 9.32
C TYR A 169 5.32 -7.81 9.91
N ALA A 170 4.79 -8.98 10.25
CA ALA A 170 5.61 -10.08 10.72
C ALA A 170 6.55 -10.57 9.62
N LEU A 171 7.68 -11.13 10.05
CA LEU A 171 8.66 -11.72 9.14
C LEU A 171 8.56 -13.24 9.26
N PRO A 172 7.72 -13.90 8.46
CA PRO A 172 7.47 -15.33 8.70
C PRO A 172 8.71 -16.21 8.58
N HIS A 173 9.69 -15.84 7.75
CA HIS A 173 10.88 -16.68 7.64
C HIS A 173 11.65 -16.77 8.95
N ALA A 174 11.44 -15.82 9.86
CA ALA A 174 12.17 -15.76 11.12
C ALA A 174 11.33 -16.16 12.32
N ILE A 175 10.09 -16.57 12.14
CA ILE A 175 9.24 -16.97 13.25
C ILE A 175 9.65 -18.33 13.76
N MET A 176 9.69 -18.48 15.09
CA MET A 176 9.93 -19.74 15.75
C MET A 176 8.68 -20.21 16.48
N ARG A 177 8.42 -21.51 16.41
CA ARG A 177 7.32 -22.13 17.12
C ARG A 177 7.88 -23.11 18.11
N LEU A 178 7.30 -23.14 19.31
CA LEU A 178 7.69 -24.06 20.37
C LEU A 178 6.42 -24.66 20.95
N ASP A 179 6.26 -25.98 20.83
CA ASP A 179 5.08 -26.67 21.33
C ASP A 179 5.23 -26.92 22.84
N LEU A 180 5.31 -25.81 23.58
CA LEU A 180 5.54 -25.80 25.01
C LEU A 180 4.90 -24.54 25.57
N ALA A 181 3.89 -24.71 26.42
CA ALA A 181 3.15 -23.56 26.91
C ALA A 181 2.49 -23.94 28.23
N GLY A 182 1.43 -23.20 28.59
CA GLY A 182 0.90 -23.27 29.95
C GLY A 182 0.38 -24.65 30.32
N ARG A 183 -0.26 -25.34 29.37
CA ARG A 183 -0.81 -26.65 29.68
C ARG A 183 0.29 -27.66 29.97
N ASP A 184 1.40 -27.60 29.22
CA ASP A 184 2.54 -28.48 29.49
C ASP A 184 3.17 -28.16 30.84
N LEU A 185 3.20 -26.88 31.23
CA LEU A 185 3.76 -26.52 32.54
C LEU A 185 2.88 -27.06 33.66
N THR A 186 1.56 -26.95 33.52
CA THR A 186 0.66 -27.53 34.51
C THR A 186 0.90 -29.03 34.64
N ASP A 187 0.97 -29.73 33.50
CA ASP A 187 1.23 -31.17 33.54
C ASP A 187 2.54 -31.48 34.25
N TYR A 188 3.57 -30.65 34.03
CA TYR A 188 4.85 -30.90 34.68
C TYR A 188 4.76 -30.66 36.17
N LEU A 189 4.07 -29.59 36.59
CA LEU A 189 3.89 -29.35 38.02
C LEU A 189 3.16 -30.51 38.67
N MET A 190 2.13 -31.05 38.00
CA MET A 190 1.47 -32.25 38.52
C MET A 190 2.49 -33.36 38.76
N LYS A 191 3.43 -33.52 37.82
CA LYS A 191 4.38 -34.62 37.91
C LYS A 191 5.33 -34.44 39.10
N ILE A 192 5.93 -33.25 39.24
CA ILE A 192 6.92 -33.08 40.29
C ILE A 192 6.28 -32.94 41.66
N LEU A 193 4.98 -32.64 41.74
CA LEU A 193 4.30 -32.63 43.03
C LEU A 193 4.27 -34.00 43.68
N THR A 194 4.47 -35.07 42.91
CA THR A 194 4.56 -36.41 43.50
C THR A 194 5.77 -36.55 44.42
N GLU A 195 6.77 -35.68 44.26
CA GLU A 195 7.96 -35.77 45.10
C GLU A 195 7.64 -35.46 46.56
N ARG A 196 6.65 -34.62 46.81
CA ARG A 196 6.14 -34.38 48.15
C ARG A 196 4.99 -35.32 48.52
N GLY A 197 4.76 -36.35 47.72
CA GLY A 197 3.71 -37.31 47.99
C GLY A 197 2.34 -36.92 47.50
N TYR A 198 2.20 -35.82 46.76
CA TYR A 198 0.90 -35.35 46.30
C TYR A 198 0.55 -36.02 44.98
N SER A 199 -0.69 -36.52 44.89
CA SER A 199 -1.20 -37.11 43.66
C SER A 199 -2.30 -36.21 43.10
N PHE A 200 -2.01 -35.61 41.94
CA PHE A 200 -3.00 -34.88 41.15
C PHE A 200 -3.03 -35.54 39.78
N VAL A 201 -4.19 -36.08 39.40
CA VAL A 201 -4.27 -36.92 38.21
C VAL A 201 -5.45 -36.53 37.32
N THR A 202 -6.63 -36.35 37.91
CA THR A 202 -7.85 -36.21 37.12
C THR A 202 -7.90 -34.85 36.44
N THR A 203 -8.88 -34.73 35.52
CA THR A 203 -9.13 -33.46 34.85
C THR A 203 -9.36 -32.34 35.86
N ALA A 204 -10.16 -32.62 36.88
CA ALA A 204 -10.45 -31.60 37.89
C ALA A 204 -9.22 -31.31 38.74
N GLU A 205 -8.45 -32.34 39.07
CA GLU A 205 -7.23 -32.13 39.85
C GLU A 205 -6.20 -31.37 39.03
N ARG A 206 -6.16 -31.59 37.72
CA ARG A 206 -5.31 -30.79 36.84
C ARG A 206 -5.67 -29.32 36.93
N GLU A 207 -6.97 -29.00 37.00
CA GLU A 207 -7.40 -27.61 37.11
C GLU A 207 -6.92 -27.01 38.42
N ILE A 208 -6.92 -27.79 39.50
CA ILE A 208 -6.39 -27.30 40.77
C ILE A 208 -4.90 -26.97 40.61
N VAL A 209 -4.14 -27.84 39.95
CA VAL A 209 -2.72 -27.58 39.79
C VAL A 209 -2.49 -26.37 38.90
N ARG A 210 -3.33 -26.17 37.88
CA ARG A 210 -3.23 -24.95 37.09
C ARG A 210 -3.32 -23.72 37.99
N ASP A 211 -4.28 -23.72 38.90
CA ASP A 211 -4.44 -22.59 39.81
C ASP A 211 -3.22 -22.47 40.73
N ILE A 212 -2.70 -23.59 41.23
CA ILE A 212 -1.48 -23.54 42.02
C ILE A 212 -0.35 -22.91 41.22
N LYS A 213 -0.18 -23.38 39.98
CA LYS A 213 0.83 -22.82 39.09
C LYS A 213 0.70 -21.30 39.00
N GLU A 214 -0.53 -20.83 38.76
CA GLU A 214 -0.74 -19.40 38.53
C GLU A 214 -0.52 -18.58 39.79
N LYS A 215 -0.84 -19.13 40.96
CA LYS A 215 -0.77 -18.36 42.20
C LYS A 215 0.61 -18.39 42.85
N LEU A 216 1.39 -19.46 42.68
CA LEU A 216 2.60 -19.65 43.46
C LEU A 216 3.89 -19.80 42.66
N CYS A 217 3.84 -19.99 41.35
CA CYS A 217 5.08 -20.21 40.61
C CYS A 217 5.74 -18.89 40.24
N TYR A 218 7.06 -18.96 40.02
CA TYR A 218 7.82 -17.80 39.57
C TYR A 218 9.08 -18.29 38.85
N VAL A 219 9.70 -17.39 38.10
CA VAL A 219 10.92 -17.68 37.37
C VAL A 219 12.09 -17.16 38.20
N ALA A 220 13.02 -18.06 38.54
CA ALA A 220 14.20 -17.66 39.28
C ALA A 220 15.15 -16.90 38.37
N LEU A 221 15.79 -15.87 38.92
CA LEU A 221 16.78 -15.14 38.14
C LEU A 221 18.03 -16.00 37.92
N ASP A 222 18.45 -16.73 38.94
CA ASP A 222 19.59 -17.64 38.89
C ASP A 222 19.05 -18.98 39.38
N PHE A 223 18.64 -19.83 38.43
CA PHE A 223 17.99 -21.08 38.80
C PHE A 223 18.90 -21.94 39.66
N GLU A 224 20.16 -22.06 39.26
CA GLU A 224 21.08 -22.95 39.96
C GLU A 224 21.25 -22.54 41.41
N ASN A 225 21.42 -21.24 41.67
CA ASN A 225 21.56 -20.77 43.04
C ASN A 225 20.26 -20.93 43.80
N GLU A 226 19.13 -20.71 43.12
CA GLU A 226 17.83 -20.86 43.79
C GLU A 226 17.65 -22.29 44.28
N MET A 227 18.12 -23.26 43.50
CA MET A 227 18.05 -24.66 43.90
C MET A 227 18.97 -24.93 45.09
N ALA A 228 20.23 -24.47 44.99
CA ALA A 228 21.23 -24.81 46.01
C ALA A 228 20.88 -24.22 47.37
N THR A 229 20.24 -23.05 47.39
CA THR A 229 19.85 -22.41 48.64
C THR A 229 18.42 -22.74 49.05
N ALA A 230 17.70 -23.54 48.26
CA ALA A 230 16.30 -23.85 48.59
C ALA A 230 16.17 -24.43 49.99
N ALA A 231 17.15 -25.22 50.42
CA ALA A 231 17.05 -25.85 51.74
C ALA A 231 17.12 -24.81 52.85
N SER A 232 18.11 -23.94 52.81
CA SER A 232 18.29 -22.95 53.87
C SER A 232 17.32 -21.78 53.74
N SER A 233 16.59 -21.69 52.65
CA SER A 233 15.73 -20.54 52.40
C SER A 233 14.53 -20.58 53.34
N SER A 234 14.34 -19.50 54.11
CA SER A 234 13.20 -19.41 55.01
C SER A 234 11.89 -19.25 54.22
N SER A 235 11.89 -18.38 53.21
CA SER A 235 10.66 -17.87 52.63
C SER A 235 10.29 -18.53 51.30
N LEU A 236 10.98 -19.61 50.92
CA LEU A 236 10.67 -20.26 49.65
C LEU A 236 9.36 -21.02 49.72
N GLU A 237 9.12 -21.74 50.81
CA GLU A 237 7.94 -22.59 50.91
C GLU A 237 6.68 -21.76 51.06
N LYS A 238 5.64 -22.13 50.31
CA LYS A 238 4.35 -21.45 50.33
C LYS A 238 3.24 -22.49 50.51
N SER A 239 2.16 -22.07 51.12
CA SER A 239 0.99 -22.92 51.34
C SER A 239 -0.11 -22.55 50.35
N TYR A 240 -0.95 -23.54 50.04
CA TYR A 240 -2.06 -23.36 49.11
C TYR A 240 -3.27 -24.11 49.65
N GLU A 241 -4.41 -23.44 49.72
CA GLU A 241 -5.63 -24.03 50.26
C GLU A 241 -6.45 -24.61 49.12
N LEU A 242 -6.70 -25.91 49.18
CA LEU A 242 -7.46 -26.59 48.16
C LEU A 242 -8.95 -26.30 48.33
N PRO A 243 -9.75 -26.56 47.29
CA PRO A 243 -11.19 -26.32 47.40
C PRO A 243 -11.84 -26.96 48.62
N ASP A 244 -11.45 -28.18 48.97
CA ASP A 244 -12.03 -28.90 50.10
C ASP A 244 -11.58 -28.36 51.46
N GLY A 245 -10.71 -27.35 51.50
CA GLY A 245 -10.18 -26.83 52.72
C GLY A 245 -8.82 -27.38 53.11
N GLN A 246 -8.40 -28.49 52.50
CA GLN A 246 -7.09 -29.05 52.78
C GLN A 246 -5.99 -28.14 52.24
N VAL A 247 -4.82 -28.21 52.88
CA VAL A 247 -3.68 -27.37 52.55
C VAL A 247 -2.54 -28.23 52.04
N ILE A 248 -1.83 -27.74 51.03
CA ILE A 248 -0.58 -28.32 50.58
C ILE A 248 0.52 -27.29 50.74
N THR A 249 1.77 -27.77 50.73
CA THR A 249 2.94 -26.91 50.77
C THR A 249 3.89 -27.31 49.66
N ILE A 250 4.43 -26.32 48.95
CA ILE A 250 5.44 -26.57 47.94
C ILE A 250 6.59 -25.59 48.14
N GLY A 251 7.74 -25.94 47.57
CA GLY A 251 8.94 -25.15 47.70
C GLY A 251 9.60 -24.88 46.37
N ASN A 252 10.68 -25.61 46.05
CA ASN A 252 11.38 -25.34 44.80
C ASN A 252 10.56 -25.73 43.58
N GLU A 253 9.45 -26.47 43.77
CA GLU A 253 8.52 -26.68 42.67
C GLU A 253 8.01 -25.35 42.13
N ARG A 254 7.98 -24.31 42.96
CA ARG A 254 7.47 -23.01 42.53
C ARG A 254 8.20 -22.49 41.31
N PHE A 255 9.52 -22.66 41.25
CA PHE A 255 10.30 -22.13 40.15
C PHE A 255 10.87 -23.20 39.23
N ARG A 256 10.86 -24.47 39.65
CA ARG A 256 11.25 -25.53 38.72
C ARG A 256 10.23 -25.67 37.61
N CYS A 257 8.95 -25.43 37.90
CA CYS A 257 7.91 -25.56 36.87
C CYS A 257 8.15 -24.63 35.70
N PRO A 258 8.16 -23.31 35.86
CA PRO A 258 8.37 -22.41 34.71
C PRO A 258 9.80 -22.36 34.22
N GLU A 259 10.77 -22.91 34.96
CA GLU A 259 12.11 -23.03 34.42
C GLU A 259 12.10 -23.84 33.12
N THR A 260 11.10 -24.71 32.97
CA THR A 260 10.95 -25.51 31.76
C THR A 260 10.95 -24.64 30.50
N LEU A 261 10.43 -23.42 30.60
CA LEU A 261 10.43 -22.53 29.44
C LEU A 261 11.84 -22.24 28.95
N PHE A 262 12.79 -22.15 29.89
CA PHE A 262 14.18 -21.90 29.56
C PHE A 262 14.98 -23.18 29.41
N GLN A 263 14.51 -24.28 29.98
CA GLN A 263 15.16 -25.58 29.88
C GLN A 263 14.10 -26.62 29.52
N PRO A 264 13.73 -26.71 28.25
CA PRO A 264 12.68 -27.67 27.85
C PRO A 264 13.05 -29.12 28.07
N SER A 265 14.32 -29.44 28.31
CA SER A 265 14.67 -30.81 28.63
C SER A 265 14.02 -31.29 29.92
N PHE A 266 13.54 -30.37 30.76
CA PHE A 266 12.84 -30.77 31.98
C PHE A 266 11.66 -31.68 31.68
N ILE A 267 11.04 -31.52 30.51
CA ILE A 267 9.95 -32.38 30.07
C ILE A 267 10.36 -33.22 28.86
N GLY A 268 11.66 -33.41 28.66
CA GLY A 268 12.13 -34.29 27.61
C GLY A 268 12.05 -33.72 26.21
N MET A 269 12.01 -32.40 26.06
CA MET A 269 12.15 -31.76 24.77
C MET A 269 13.57 -31.22 24.64
N GLU A 270 14.18 -31.43 23.48
CA GLU A 270 15.50 -30.86 23.22
C GLU A 270 15.43 -29.62 22.32
N SER A 271 14.28 -28.94 22.31
CA SER A 271 14.22 -27.61 21.75
C SER A 271 15.00 -26.66 22.64
N ALA A 272 15.51 -25.58 22.04
CA ALA A 272 16.10 -24.53 22.85
C ALA A 272 15.03 -23.81 23.66
N GLY A 273 15.47 -23.14 24.73
CA GLY A 273 14.56 -22.37 25.54
C GLY A 273 14.14 -21.07 24.88
N ILE A 274 13.16 -20.40 25.50
CA ILE A 274 12.56 -19.23 24.87
C ILE A 274 13.56 -18.09 24.76
N HIS A 275 14.57 -18.04 25.64
CA HIS A 275 15.61 -17.03 25.48
C HIS A 275 16.43 -17.31 24.22
N GLU A 276 16.73 -18.58 23.97
CA GLU A 276 17.56 -18.95 22.83
C GLU A 276 16.79 -18.84 21.52
N THR A 277 15.51 -19.22 21.52
CA THR A 277 14.71 -19.08 20.31
C THR A 277 14.43 -17.62 19.99
N THR A 278 14.36 -16.76 21.01
CA THR A 278 14.30 -15.33 20.75
C THR A 278 15.55 -14.87 20.02
N TYR A 279 16.73 -15.26 20.52
CA TYR A 279 17.98 -14.95 19.87
C TYR A 279 18.03 -15.52 18.45
N ASN A 280 17.69 -16.80 18.31
CA ASN A 280 17.73 -17.41 16.98
C ASN A 280 16.81 -16.69 16.01
N SER A 281 15.63 -16.27 16.48
CA SER A 281 14.71 -15.54 15.62
C SER A 281 15.31 -14.23 15.15
N ILE A 282 15.90 -13.47 16.08
CA ILE A 282 16.52 -12.20 15.72
C ILE A 282 17.65 -12.42 14.72
N MET A 283 18.41 -13.51 14.89
CA MET A 283 19.55 -13.73 14.02
C MET A 283 19.16 -14.16 12.62
N LYS A 284 17.91 -14.57 12.39
CA LYS A 284 17.42 -14.81 11.04
C LYS A 284 16.96 -13.53 10.36
N CYS A 285 16.93 -12.41 11.07
CA CYS A 285 16.52 -11.14 10.49
C CYS A 285 17.74 -10.35 10.03
N ASP A 286 17.49 -9.39 9.15
CA ASP A 286 18.58 -8.59 8.60
C ASP A 286 19.31 -7.85 9.71
N ILE A 287 20.63 -7.73 9.55
CA ILE A 287 21.47 -7.05 10.54
C ILE A 287 20.89 -5.70 10.92
N ASP A 288 20.35 -4.97 9.94
CA ASP A 288 19.98 -3.59 10.17
C ASP A 288 18.71 -3.40 10.99
N ILE A 289 17.97 -4.48 11.28
CA ILE A 289 16.79 -4.39 12.14
C ILE A 289 16.96 -5.09 13.47
N ARG A 290 18.06 -5.82 13.69
CA ARG A 290 18.22 -6.54 14.95
C ARG A 290 18.20 -5.60 16.13
N LYS A 291 18.80 -4.42 15.97
CA LYS A 291 18.85 -3.46 17.08
C LYS A 291 17.44 -3.03 17.49
N ASP A 292 16.53 -2.88 16.53
CA ASP A 292 15.16 -2.52 16.85
C ASP A 292 14.43 -3.66 17.55
N LEU A 293 14.77 -4.91 17.21
CA LEU A 293 14.13 -6.06 17.84
C LEU A 293 14.61 -6.24 19.28
N TYR A 294 15.93 -6.15 19.49
CA TYR A 294 16.48 -6.28 20.84
C TYR A 294 15.87 -5.24 21.77
N ALA A 295 15.65 -4.02 21.28
CA ALA A 295 15.14 -2.94 22.11
C ALA A 295 13.64 -2.98 22.30
N ASN A 296 12.95 -3.96 21.71
CA ASN A 296 11.49 -4.01 21.73
C ASN A 296 11.02 -5.46 21.81
N ASN A 297 11.42 -6.15 22.87
CA ASN A 297 10.95 -7.51 23.16
CA ASN A 297 10.94 -7.51 23.14
C ASN A 297 9.65 -7.39 23.96
N VAL A 298 8.52 -7.64 23.31
CA VAL A 298 7.22 -7.54 23.96
C VAL A 298 6.71 -8.93 24.26
N MET A 299 6.34 -9.17 25.53
CA MET A 299 5.77 -10.43 25.96
C MET A 299 4.25 -10.36 25.97
N SER A 300 3.62 -11.47 25.60
CA SER A 300 2.16 -11.54 25.58
C SER A 300 1.73 -12.97 25.86
N GLY A 301 0.52 -13.12 26.38
CA GLY A 301 -0.03 -14.42 26.69
C GLY A 301 0.03 -14.74 28.18
N GLY A 302 -0.87 -15.64 28.60
CA GLY A 302 -0.97 -15.96 30.02
C GLY A 302 0.28 -16.57 30.60
N THR A 303 1.05 -17.30 29.78
CA THR A 303 2.23 -17.99 30.29
C THR A 303 3.43 -17.05 30.47
N THR A 304 3.33 -15.79 30.04
CA THR A 304 4.34 -14.79 30.36
C THR A 304 4.01 -14.02 31.64
N MET A 305 3.04 -14.50 32.44
CA MET A 305 2.64 -13.79 33.64
C MET A 305 3.54 -14.08 34.85
N TYR A 306 4.36 -15.12 34.80
CA TYR A 306 5.12 -15.53 35.96
C TYR A 306 5.94 -14.35 36.48
N PRO A 307 5.91 -14.06 37.78
CA PRO A 307 6.85 -13.07 38.33
C PRO A 307 8.28 -13.46 38.00
N GLY A 308 9.07 -12.47 37.61
CA GLY A 308 10.47 -12.67 37.31
C GLY A 308 10.81 -13.02 35.89
N ILE A 309 9.83 -13.26 35.02
CA ILE A 309 10.15 -13.75 33.68
C ILE A 309 10.84 -12.67 32.86
N ALA A 310 10.40 -11.42 33.01
CA ALA A 310 11.03 -10.35 32.24
C ALA A 310 12.48 -10.13 32.65
N ASP A 311 12.76 -10.14 33.96
CA ASP A 311 14.14 -9.96 34.41
C ASP A 311 15.04 -11.11 33.96
N ARG A 312 14.53 -12.34 34.04
CA ARG A 312 15.31 -13.49 33.57
C ARG A 312 15.58 -13.36 32.07
N MET A 313 14.56 -12.97 31.29
CA MET A 313 14.76 -12.79 29.86
C MET A 313 15.80 -11.72 29.57
N GLN A 314 15.71 -10.59 30.28
CA GLN A 314 16.73 -9.54 30.11
C GLN A 314 18.13 -10.12 30.35
N LYS A 315 18.28 -10.86 31.45
CA LYS A 315 19.58 -11.44 31.76
C LYS A 315 20.06 -12.36 30.64
N GLU A 316 19.19 -13.29 30.21
CA GLU A 316 19.61 -14.28 29.22
C GLU A 316 19.90 -13.63 27.87
N ILE A 317 19.04 -12.73 27.41
CA ILE A 317 19.26 -12.09 26.12
C ILE A 317 20.54 -11.27 26.14
N THR A 318 20.83 -10.61 27.28
CA THR A 318 22.05 -9.81 27.37
C THR A 318 23.30 -10.68 27.19
N ALA A 319 23.26 -11.92 27.68
CA ALA A 319 24.42 -12.79 27.55
C ALA A 319 24.63 -13.27 26.12
N LEU A 320 23.58 -13.29 25.30
CA LEU A 320 23.68 -13.74 23.92
C LEU A 320 23.91 -12.60 22.94
N ALA A 321 23.46 -11.40 23.26
CA ALA A 321 23.50 -10.28 22.33
C ALA A 321 24.86 -9.60 22.37
N PRO A 322 25.15 -8.75 21.38
CA PRO A 322 26.40 -7.98 21.43
C PRO A 322 26.49 -7.13 22.69
N SER A 323 27.72 -6.95 23.18
CA SER A 323 27.92 -6.35 24.49
C SER A 323 27.36 -4.95 24.58
N THR A 324 27.32 -4.22 23.48
CA THR A 324 26.85 -2.84 23.48
C THR A 324 25.37 -2.72 23.16
N MET A 325 24.69 -3.84 22.93
CA MET A 325 23.33 -3.80 22.42
C MET A 325 22.37 -3.34 23.52
N LYS A 326 21.49 -2.41 23.17
CA LYS A 326 20.42 -2.02 24.08
C LYS A 326 19.30 -3.05 24.03
N ILE A 327 19.00 -3.62 25.19
CA ILE A 327 17.99 -4.68 25.32
C ILE A 327 16.89 -4.17 26.24
N LYS A 328 15.64 -4.38 25.85
CA LYS A 328 14.51 -4.00 26.67
C LYS A 328 13.41 -5.03 26.53
N ILE A 329 12.95 -5.55 27.67
CA ILE A 329 11.85 -6.50 27.72
C ILE A 329 10.62 -5.75 28.23
N ILE A 330 9.55 -5.78 27.46
CA ILE A 330 8.30 -5.10 27.80
C ILE A 330 7.26 -6.15 28.13
N ALA A 331 6.74 -6.11 29.36
CA ALA A 331 5.72 -7.03 29.84
C ALA A 331 4.51 -6.22 30.30
N PRO A 332 3.58 -5.91 29.39
CA PRO A 332 2.47 -5.03 29.78
C PRO A 332 1.59 -5.67 30.83
N PRO A 333 1.02 -4.88 31.74
CA PRO A 333 0.10 -5.46 32.74
C PRO A 333 -1.08 -6.21 32.13
N GLU A 334 -1.50 -5.84 30.92
CA GLU A 334 -2.66 -6.43 30.28
C GLU A 334 -2.31 -7.58 29.34
N ARG A 335 -1.11 -8.14 29.46
CA ARG A 335 -0.63 -9.06 28.43
C ARG A 335 -1.43 -10.36 28.37
N LYS A 336 -2.20 -10.69 29.40
CA LYS A 336 -3.11 -11.83 29.29
C LYS A 336 -4.16 -11.62 28.21
N TYR A 337 -4.42 -10.36 27.84
CA TYR A 337 -5.47 -10.03 26.87
C TYR A 337 -4.99 -9.06 25.79
N SER A 338 -3.68 -8.89 25.64
CA SER A 338 -3.18 -7.86 24.73
C SER A 338 -3.47 -8.19 23.28
N VAL A 339 -3.51 -9.48 22.93
CA VAL A 339 -3.93 -9.86 21.58
C VAL A 339 -5.33 -9.33 21.31
N TRP A 340 -6.26 -9.56 22.24
CA TRP A 340 -7.62 -9.08 22.04
C TRP A 340 -7.63 -7.55 21.99
N ILE A 341 -6.93 -6.90 22.91
CA ILE A 341 -6.96 -5.44 22.95
C ILE A 341 -6.38 -4.87 21.67
N GLY A 342 -5.34 -5.49 21.14
CA GLY A 342 -4.80 -5.04 19.86
C GLY A 342 -5.82 -5.12 18.74
N GLY A 343 -6.62 -6.19 18.72
CA GLY A 343 -7.67 -6.29 17.72
C GLY A 343 -8.76 -5.27 17.90
N SER A 344 -9.10 -4.96 19.17
CA SER A 344 -10.05 -3.88 19.43
C SER A 344 -9.52 -2.55 18.90
N ILE A 345 -8.24 -2.27 19.13
CA ILE A 345 -7.64 -1.04 18.66
C ILE A 345 -7.63 -1.00 17.13
N LEU A 346 -7.14 -2.07 16.51
CA LEU A 346 -7.06 -2.12 15.05
C LEU A 346 -8.44 -1.96 14.43
N ALA A 347 -9.40 -2.80 14.83
CA ALA A 347 -10.72 -2.77 14.22
C ALA A 347 -11.43 -1.45 14.44
N SER A 348 -10.95 -0.61 15.36
CA SER A 348 -11.52 0.69 15.61
C SER A 348 -10.83 1.82 14.85
N LEU A 349 -9.68 1.55 14.23
CA LEU A 349 -9.00 2.58 13.46
C LEU A 349 -9.79 2.91 12.21
N SER A 350 -9.98 4.21 11.96
CA SER A 350 -10.71 4.63 10.77
C SER A 350 -10.05 4.13 9.49
N THR A 351 -8.71 4.06 9.47
CA THR A 351 -8.00 3.60 8.29
C THR A 351 -8.21 2.11 8.04
N PHE A 352 -8.60 1.36 9.06
CA PHE A 352 -8.78 -0.09 8.93
C PHE A 352 -10.08 -0.47 8.23
N GLN A 353 -11.04 0.45 8.15
CA GLN A 353 -12.32 0.11 7.55
C GLN A 353 -12.18 -0.31 6.09
N GLN A 354 -11.12 0.12 5.41
CA GLN A 354 -10.87 -0.34 4.04
C GLN A 354 -10.34 -1.77 4.01
N MET A 355 -9.79 -2.26 5.13
CA MET A 355 -9.17 -3.56 5.18
C MET A 355 -10.15 -4.70 5.41
N TRP A 356 -11.37 -4.41 5.87
CA TRP A 356 -12.38 -5.45 5.99
C TRP A 356 -12.56 -6.16 4.66
N ILE A 357 -12.73 -7.48 4.73
CA ILE A 357 -13.19 -8.26 3.58
C ILE A 357 -14.71 -8.31 3.64
N THR A 358 -15.36 -7.77 2.61
CA THR A 358 -16.81 -7.74 2.62
C THR A 358 -17.39 -9.02 2.02
N LYS A 359 -18.65 -9.29 2.35
CA LYS A 359 -19.37 -10.39 1.72
C LYS A 359 -19.37 -10.23 0.20
N GLN A 360 -19.52 -9.00 -0.28
CA GLN A 360 -19.48 -8.77 -1.73
C GLN A 360 -18.20 -9.31 -2.33
N GLU A 361 -17.06 -9.03 -1.69
CA GLU A 361 -15.78 -9.45 -2.24
C GLU A 361 -15.59 -10.96 -2.11
N TYR A 362 -16.11 -11.55 -1.04
CA TYR A 362 -16.04 -13.00 -0.90
C TYR A 362 -16.85 -13.70 -1.98
N ASP A 363 -18.06 -13.20 -2.26
CA ASP A 363 -18.90 -13.83 -3.27
C ASP A 363 -18.26 -13.75 -4.65
N GLU A 364 -17.40 -12.76 -4.88
CA GLU A 364 -16.71 -12.64 -6.15
C GLU A 364 -15.53 -13.60 -6.24
N ALA A 365 -14.63 -13.55 -5.26
CA ALA A 365 -13.37 -14.29 -5.31
C ALA A 365 -13.42 -15.63 -4.60
N GLY A 366 -14.24 -15.78 -3.57
CA GLY A 366 -14.26 -16.99 -2.76
C GLY A 366 -13.27 -16.91 -1.62
N PRO A 367 -13.04 -18.03 -0.93
CA PRO A 367 -12.17 -17.99 0.26
C PRO A 367 -10.75 -17.56 -0.03
N SER A 368 -10.31 -17.61 -1.30
CA SER A 368 -8.94 -17.23 -1.63
C SER A 368 -8.66 -15.76 -1.36
N ILE A 369 -9.70 -14.94 -1.21
CA ILE A 369 -9.53 -13.51 -1.00
C ILE A 369 -8.81 -13.19 0.31
N VAL A 370 -8.85 -14.12 1.27
CA VAL A 370 -8.23 -13.86 2.57
C VAL A 370 -6.72 -13.72 2.45
N HIS A 371 -6.11 -14.34 1.44
CA HIS A 371 -4.67 -14.26 1.28
C HIS A 371 -4.24 -12.90 0.76
N ARG A 372 -5.13 -12.22 0.05
CA ARG A 372 -4.84 -10.94 -0.57
C ARG A 372 -5.05 -9.76 0.36
N LYS A 373 -6.11 -9.79 1.17
CA LYS A 373 -6.47 -8.66 2.01
C LYS A 373 -5.99 -8.78 3.45
N CYS A 374 -5.61 -9.98 3.89
CA CYS A 374 -5.10 -10.17 5.25
C CYS A 374 -3.60 -10.47 5.22
N MET B 3 21.16 19.32 0.01
CA MET B 3 19.92 19.94 0.56
C MET B 3 19.14 18.89 1.36
N VAL B 4 18.24 19.36 2.22
CA VAL B 4 17.45 18.47 3.07
C VAL B 4 16.11 19.12 3.34
N GLU B 5 15.06 18.30 3.34
CA GLU B 5 13.70 18.74 3.63
C GLU B 5 13.21 18.04 4.90
N ALA B 6 12.07 18.51 5.40
CA ALA B 6 11.51 17.99 6.63
C ALA B 6 10.00 18.18 6.61
N PHE B 7 9.27 17.14 7.00
CA PHE B 7 7.82 17.16 7.02
C PHE B 7 7.35 16.73 8.41
N GLU B 8 6.04 16.75 8.61
CA GLU B 8 5.45 16.22 9.83
C GLU B 8 4.12 15.56 9.51
N ILE B 9 3.90 14.39 10.11
CA ILE B 9 2.63 13.68 10.00
C ILE B 9 1.78 14.09 11.20
N ASP B 10 0.66 14.75 10.93
CA ASP B 10 -0.12 15.36 11.98
C ASP B 10 -1.03 14.34 12.64
N SER B 11 -1.74 14.78 13.69
CA SER B 11 -2.73 13.94 14.33
C SER B 11 -3.98 13.80 13.47
N ASP B 12 -4.16 14.69 12.49
CA ASP B 12 -5.26 14.60 11.54
C ASP B 12 -4.76 14.25 10.13
N ALA B 13 -3.69 13.46 10.06
CA ALA B 13 -3.24 12.68 8.91
C ALA B 13 -2.55 13.52 7.84
N LYS B 14 -2.62 14.84 7.90
CA LYS B 14 -2.00 15.68 6.88
C LYS B 14 -0.49 15.54 6.86
N LEU B 15 0.10 15.87 5.71
CA LEU B 15 1.53 16.03 5.59
C LEU B 15 1.83 17.52 5.45
N THR B 16 2.70 18.03 6.32
CA THR B 16 3.01 19.45 6.37
C THR B 16 4.52 19.61 6.37
N GLU B 17 5.02 20.62 5.67
CA GLU B 17 6.44 20.91 5.69
C GLU B 17 6.81 21.65 6.97
N THR B 18 8.04 21.44 7.41
CA THR B 18 8.59 22.10 8.58
C THR B 18 10.06 22.36 8.30
N LYS B 19 10.68 23.21 9.10
CA LYS B 19 12.09 23.49 8.92
C LYS B 19 12.94 22.42 9.57
N ALA B 20 14.09 22.14 8.94
CA ALA B 20 14.74 20.84 9.07
C ALA B 20 16.05 20.90 9.83
N ARG B 21 16.02 21.30 11.09
CA ARG B 21 17.21 21.29 11.92
C ARG B 21 16.82 21.11 13.38
N ALA B 22 17.84 20.95 14.22
CA ALA B 22 17.75 20.85 15.67
C ALA B 22 16.34 20.74 16.24
N SER B 23 15.76 21.88 16.63
CA SER B 23 14.65 21.90 17.57
C SER B 23 13.38 21.21 17.10
N THR B 24 13.30 20.75 15.85
CA THR B 24 12.07 20.15 15.38
C THR B 24 11.75 18.84 16.09
N ILE B 25 12.77 18.15 16.61
CA ILE B 25 12.56 16.87 17.27
C ILE B 25 11.71 17.06 18.52
N ASP B 26 10.68 16.23 18.65
CA ASP B 26 9.89 16.18 19.88
C ASP B 26 9.31 14.79 20.02
N THR B 27 9.16 14.35 21.26
CA THR B 27 8.89 12.92 21.52
C THR B 27 7.56 12.46 20.92
N GLU B 28 6.59 13.35 20.73
CA GLU B 28 5.26 12.95 20.29
C GLU B 28 5.01 13.09 18.80
N LYS B 29 6.05 13.37 18.01
CA LYS B 29 5.89 13.51 16.56
C LYS B 29 6.54 12.36 15.80
N VAL B 30 5.99 12.12 14.61
CA VAL B 30 6.62 11.27 13.59
C VAL B 30 7.02 12.19 12.44
N LEU B 31 8.29 12.14 12.05
CA LEU B 31 8.87 13.07 11.10
C LEU B 31 9.54 12.33 9.96
N VAL B 32 9.70 13.02 8.83
CA VAL B 32 10.40 12.49 7.66
C VAL B 32 11.43 13.51 7.22
N PHE B 33 12.67 13.06 6.99
CA PHE B 33 13.76 13.90 6.54
C PHE B 33 14.39 13.27 5.30
N ILE B 34 14.48 14.05 4.22
CA ILE B 34 15.04 13.58 2.95
C ILE B 34 16.46 14.11 2.82
N ASP B 35 17.43 13.20 2.77
CA ASP B 35 18.84 13.55 2.58
C ASP B 35 19.22 13.24 1.13
N HIS B 36 19.17 14.26 0.28
CA HIS B 36 19.45 14.05 -1.14
C HIS B 36 20.90 13.65 -1.39
N ASP B 37 21.84 14.17 -0.59
CA ASP B 37 23.24 13.79 -0.77
C ASP B 37 23.42 12.28 -0.62
N GLU B 38 22.78 11.68 0.37
CA GLU B 38 22.92 10.26 0.68
C GLU B 38 21.81 9.41 0.10
N LYS B 39 20.92 9.98 -0.71
CA LYS B 39 19.79 9.26 -1.28
C LYS B 39 19.10 8.43 -0.21
N THR B 40 18.64 9.13 0.84
CA THR B 40 18.10 8.47 2.01
C THR B 40 16.88 9.24 2.51
N ILE B 41 15.83 8.50 2.82
CA ILE B 41 14.61 9.06 3.42
C ILE B 41 14.54 8.53 4.85
N TYR B 42 14.71 9.43 5.82
CA TYR B 42 14.65 9.07 7.22
C TYR B 42 13.22 9.21 7.73
N LEU B 43 12.68 8.14 8.30
CA LEU B 43 11.38 8.16 8.97
C LEU B 43 11.66 8.12 10.47
N TRP B 44 11.50 9.28 11.11
CA TRP B 44 11.83 9.45 12.53
C TRP B 44 10.55 9.34 13.35
N ARG B 45 10.57 8.48 14.36
CA ARG B 45 9.45 8.31 15.28
C ARG B 45 9.91 8.70 16.68
N GLY B 46 9.09 9.49 17.37
CA GLY B 46 9.38 9.83 18.74
C GLY B 46 8.98 8.72 19.69
N ALA B 47 9.50 8.82 20.91
CA ALA B 47 9.24 7.77 21.90
C ALA B 47 7.75 7.65 22.21
N LYS B 48 7.05 8.79 22.33
CA LYS B 48 5.64 8.78 22.67
C LYS B 48 4.74 9.02 21.46
N ALA B 49 5.17 8.60 20.27
CA ALA B 49 4.33 8.66 19.09
C ALA B 49 3.22 7.62 19.17
N GLU B 50 1.96 8.06 19.08
CA GLU B 50 0.85 7.13 19.10
C GLU B 50 0.87 6.21 17.88
N LEU B 51 0.43 4.97 18.09
CA LEU B 51 0.37 3.95 17.07
C LEU B 51 -0.11 4.45 15.71
N PHE B 52 -1.09 5.35 15.67
N PHE B 52 -1.02 5.43 15.77
CA PHE B 52 -1.66 5.67 14.36
CA PHE B 52 -1.75 5.88 14.59
C PHE B 52 -0.82 6.70 13.59
C PHE B 52 -0.81 6.64 13.66
N LYS B 53 0.05 7.47 14.25
CA LYS B 53 0.99 8.27 13.49
C LYS B 53 2.14 7.40 12.97
N LYS B 54 2.59 6.44 13.78
CA LYS B 54 3.62 5.51 13.32
C LYS B 54 3.14 4.75 12.08
N LEU B 55 1.92 4.18 12.16
CA LEU B 55 1.37 3.47 11.02
C LEU B 55 1.31 4.36 9.79
N MET B 56 0.89 5.62 9.97
N MET B 56 0.89 5.61 9.98
CA MET B 56 0.76 6.53 8.83
CA MET B 56 0.77 6.54 8.87
C MET B 56 2.11 7.12 8.43
C MET B 56 2.12 7.08 8.43
N GLY B 57 3.06 7.23 9.36
CA GLY B 57 4.40 7.64 8.98
C GLY B 57 5.02 6.67 7.98
N THR B 58 4.77 5.38 8.17
CA THR B 58 5.22 4.37 7.21
C THR B 58 4.61 4.62 5.84
N ARG B 59 3.31 4.96 5.81
CA ARG B 59 2.63 5.22 4.54
C ARG B 59 3.08 6.52 3.89
N VAL B 60 3.42 7.52 4.70
CA VAL B 60 3.89 8.78 4.15
C VAL B 60 5.28 8.61 3.53
N ALA B 61 6.18 7.92 4.24
CA ALA B 61 7.50 7.66 3.69
C ALA B 61 7.42 6.91 2.37
N ALA B 62 6.50 5.94 2.26
CA ALA B 62 6.38 5.15 1.05
C ALA B 62 5.91 6.00 -0.13
N LYS B 63 4.99 6.94 0.10
CA LYS B 63 4.52 7.80 -0.99
C LYS B 63 5.59 8.79 -1.40
N LEU B 64 6.27 9.42 -0.44
CA LEU B 64 7.39 10.29 -0.78
C LEU B 64 8.45 9.50 -1.55
N SER B 65 8.63 8.22 -1.22
CA SER B 65 9.60 7.40 -1.92
C SER B 65 9.21 7.11 -3.37
N HIS B 66 7.95 7.35 -3.75
CA HIS B 66 7.59 7.25 -5.16
C HIS B 66 8.26 8.32 -5.99
N ASN B 67 8.59 9.45 -5.36
CA ASN B 67 9.32 10.52 -6.02
C ASN B 67 10.80 10.18 -6.21
N TYR B 68 11.35 9.38 -5.30
CA TYR B 68 12.77 9.04 -5.29
C TYR B 68 12.89 7.53 -5.14
N PRO B 69 12.52 6.78 -6.18
CA PRO B 69 12.29 5.33 -6.01
C PRO B 69 13.54 4.53 -5.72
N LYS B 70 14.73 5.08 -5.90
CA LYS B 70 15.96 4.37 -5.58
C LYS B 70 16.64 4.89 -4.32
N TYR B 71 15.99 5.81 -3.61
CA TYR B 71 16.50 6.23 -2.31
C TYR B 71 16.26 5.13 -1.27
N ARG B 72 17.11 5.12 -0.25
CA ARG B 72 16.96 4.19 0.86
C ARG B 72 15.98 4.77 1.87
N ILE B 73 15.02 3.95 2.31
CA ILE B 73 14.09 4.33 3.37
C ILE B 73 14.63 3.75 4.67
N ARG B 74 14.84 4.60 5.67
CA ARG B 74 15.44 4.20 6.95
C ARG B 74 14.56 4.63 8.11
N PRO B 75 13.71 3.75 8.62
CA PRO B 75 12.98 4.05 9.86
C PRO B 75 13.94 4.11 11.04
N ILE B 76 13.91 5.23 11.76
CA ILE B 76 14.76 5.43 12.93
C ILE B 76 13.90 5.90 14.09
N THR B 77 14.44 5.76 15.29
CA THR B 77 13.68 5.97 16.52
C THR B 77 14.43 6.91 17.46
N GLU B 78 13.67 7.71 18.19
CA GLU B 78 14.24 8.64 19.15
C GLU B 78 15.11 7.90 20.17
N GLY B 79 16.35 8.37 20.33
CA GLY B 79 17.28 7.82 21.28
C GLY B 79 18.32 6.89 20.71
N SER B 80 18.12 6.40 19.49
CA SER B 80 19.06 5.46 18.88
C SER B 80 19.26 5.76 17.40
N GLU B 81 19.21 7.04 17.02
CA GLU B 81 19.37 7.40 15.61
C GLU B 81 20.79 7.12 15.14
N PRO B 82 20.98 6.86 13.85
CA PRO B 82 22.34 6.70 13.33
C PRO B 82 23.11 8.00 13.38
N ALA B 83 24.43 7.88 13.47
CA ALA B 83 25.29 9.07 13.53
C ALA B 83 25.09 9.95 12.31
N ALA B 84 24.93 9.35 11.13
CA ALA B 84 24.72 10.13 9.92
C ALA B 84 23.51 11.05 10.06
N PHE B 85 22.42 10.53 10.64
CA PHE B 85 21.25 11.37 10.89
C PHE B 85 21.58 12.49 11.86
N LEU B 86 22.29 12.16 12.95
CA LEU B 86 22.57 13.17 13.97
C LEU B 86 23.40 14.31 13.38
N ASP B 87 24.43 13.99 12.60
CA ASP B 87 25.21 15.02 11.93
C ASP B 87 24.33 15.86 11.02
N LEU B 88 23.35 15.23 10.38
CA LEU B 88 22.47 15.94 9.44
C LEU B 88 21.79 17.14 10.10
N LEU B 89 21.37 17.01 11.35
CA LEU B 89 20.61 18.08 12.00
C LEU B 89 21.45 18.95 12.93
N GLY B 90 22.52 18.40 13.51
CA GLY B 90 23.35 19.17 14.41
C GLY B 90 24.49 18.36 15.01
N THR C 5 -24.93 4.07 -12.03
CA THR C 5 -23.95 3.43 -11.17
C THR C 5 -22.60 3.21 -11.85
N THR C 6 -22.53 3.59 -13.13
CA THR C 6 -21.27 3.52 -13.87
C THR C 6 -20.44 4.78 -13.63
N ALA C 7 -19.14 4.59 -13.49
CA ALA C 7 -18.24 5.70 -13.22
C ALA C 7 -18.07 6.57 -14.46
N LEU C 8 -17.84 7.87 -14.21
CA LEU C 8 -17.58 8.83 -15.27
C LEU C 8 -16.09 9.16 -15.30
N VAL C 9 -15.61 9.48 -16.50
CA VAL C 9 -14.23 9.88 -16.71
C VAL C 9 -14.24 11.21 -17.44
N CYS C 10 -13.60 12.22 -16.85
CA CYS C 10 -13.56 13.57 -17.42
C CYS C 10 -12.11 14.05 -17.44
N ASP C 11 -11.61 14.34 -18.64
CA ASP C 11 -10.25 14.85 -18.83
C ASP C 11 -10.40 16.32 -19.27
N ASN C 12 -10.13 17.24 -18.34
CA ASN C 12 -10.32 18.66 -18.58
C ASN C 12 -9.04 19.25 -19.15
N GLY C 13 -9.03 19.53 -20.45
CA GLY C 13 -7.90 20.14 -21.10
C GLY C 13 -8.04 21.66 -21.23
N SER C 14 -6.90 22.31 -21.53
CA SER C 14 -6.92 23.74 -21.78
C SER C 14 -7.81 24.08 -22.97
N GLY C 15 -7.92 23.16 -23.93
CA GLY C 15 -8.67 23.41 -25.14
C GLY C 15 -9.92 22.57 -25.27
N LEU C 16 -9.83 21.27 -24.97
CA LEU C 16 -10.93 20.34 -25.16
C LEU C 16 -11.21 19.56 -23.88
N VAL C 17 -12.49 19.45 -23.55
CA VAL C 17 -12.95 18.49 -22.55
C VAL C 17 -13.14 17.14 -23.22
N LYS C 18 -12.58 16.09 -22.64
CA LYS C 18 -12.87 14.72 -23.04
C LYS C 18 -13.61 14.05 -21.89
N ALA C 19 -14.85 13.65 -22.14
CA ALA C 19 -15.70 13.10 -21.09
C ALA C 19 -16.47 11.89 -21.61
N GLY C 20 -16.82 10.99 -20.70
CA GLY C 20 -17.54 9.80 -21.08
C GLY C 20 -17.70 8.87 -19.89
N PHE C 21 -18.07 7.64 -20.20
CA PHE C 21 -18.36 6.62 -19.19
C PHE C 21 -17.22 5.62 -19.12
N ALA C 22 -16.78 5.33 -17.90
CA ALA C 22 -15.79 4.29 -17.69
C ALA C 22 -16.21 3.01 -18.41
N GLY C 23 -15.26 2.42 -19.14
CA GLY C 23 -15.51 1.21 -19.90
C GLY C 23 -15.84 1.43 -21.36
N ASP C 24 -16.21 2.66 -21.75
CA ASP C 24 -16.34 2.97 -23.16
C ASP C 24 -14.97 3.01 -23.84
N ASP C 25 -14.96 2.75 -25.14
CA ASP C 25 -13.71 2.67 -25.88
C ASP C 25 -13.08 4.04 -26.12
N ALA C 26 -13.86 5.10 -26.03
CA ALA C 26 -13.40 6.44 -26.36
C ALA C 26 -14.35 7.45 -25.73
N PRO C 27 -13.94 8.70 -25.58
CA PRO C 27 -14.81 9.69 -24.92
C PRO C 27 -16.04 10.00 -25.78
N ARG C 28 -17.21 9.87 -25.15
CA ARG C 28 -18.46 10.16 -25.83
C ARG C 28 -18.60 11.63 -26.17
N ALA C 29 -18.05 12.51 -25.35
CA ALA C 29 -18.26 13.94 -25.47
C ALA C 29 -16.91 14.64 -25.54
N VAL C 30 -16.62 15.24 -26.68
CA VAL C 30 -15.42 16.04 -26.89
C VAL C 30 -15.89 17.42 -27.34
N PHE C 31 -15.63 18.43 -26.53
CA PHE C 31 -16.17 19.75 -26.79
C PHE C 31 -15.24 20.80 -26.21
N PRO C 32 -15.28 22.02 -26.74
CA PRO C 32 -14.30 23.04 -26.33
C PRO C 32 -14.45 23.44 -24.87
N SER C 33 -13.30 23.70 -24.24
CA SER C 33 -13.25 24.12 -22.85
CA SER C 33 -13.26 24.12 -22.85
C SER C 33 -13.33 25.66 -22.78
N ILE C 34 -14.51 26.16 -23.12
CA ILE C 34 -14.73 27.60 -23.22
C ILE C 34 -16.05 27.99 -22.58
N VAL C 35 -16.13 29.24 -22.14
CA VAL C 35 -17.37 29.88 -21.76
C VAL C 35 -17.46 31.16 -22.56
N GLY C 36 -18.53 31.30 -23.34
CA GLY C 36 -18.76 32.48 -24.15
C GLY C 36 -19.87 33.33 -23.54
N ARG C 37 -19.72 34.64 -23.66
CA ARG C 37 -20.70 35.59 -23.18
C ARG C 37 -20.92 36.65 -24.24
N PRO C 38 -22.14 37.17 -24.37
CA PRO C 38 -22.39 38.20 -25.37
C PRO C 38 -21.68 39.50 -25.00
N ARG C 39 -21.22 40.19 -26.03
CA ARG C 39 -20.40 41.38 -25.84
C ARG C 39 -21.19 42.56 -25.29
N HIS C 40 -22.48 42.66 -25.63
CA HIS C 40 -23.24 43.87 -25.37
C HIS C 40 -23.92 43.88 -24.01
N GLN C 41 -24.13 45.09 -23.50
CA GLN C 41 -24.59 45.36 -22.14
C GLN C 41 -23.67 44.68 -21.13
N ASP C 51 -26.29 36.35 -19.65
CA ASP C 51 -26.19 34.90 -19.52
C ASP C 51 -24.92 34.39 -20.21
N SER C 52 -24.80 33.08 -20.36
CA SER C 52 -23.57 32.48 -20.87
C SER C 52 -23.89 31.26 -21.71
N TYR C 53 -22.90 30.80 -22.45
CA TYR C 53 -22.97 29.60 -23.27
C TYR C 53 -21.70 28.79 -23.04
N VAL C 54 -21.84 27.47 -23.04
CA VAL C 54 -20.76 26.55 -22.70
C VAL C 54 -20.54 25.58 -23.85
N GLY C 55 -19.28 25.24 -24.09
CA GLY C 55 -18.97 24.19 -25.04
C GLY C 55 -19.38 24.54 -26.45
N ASP C 56 -20.04 23.57 -27.11
CA ASP C 56 -20.38 23.73 -28.52
C ASP C 56 -21.28 24.94 -28.76
N GLU C 57 -22.18 25.24 -27.84
CA GLU C 57 -23.07 26.37 -28.06
C GLU C 57 -22.32 27.70 -28.03
N ALA C 58 -21.17 27.76 -27.34
CA ALA C 58 -20.37 28.98 -27.36
C ALA C 58 -19.75 29.19 -28.74
N GLN C 59 -19.21 28.13 -29.34
CA GLN C 59 -18.67 28.27 -30.69
C GLN C 59 -19.78 28.44 -31.71
N SER C 60 -20.92 27.78 -31.48
CA SER C 60 -22.08 27.97 -32.35
C SER C 60 -22.44 29.44 -32.49
N LYS C 61 -21.95 30.30 -31.58
CA LYS C 61 -22.17 31.73 -31.67
C LYS C 61 -20.87 32.49 -31.41
N ARG C 62 -19.72 31.90 -31.77
CA ARG C 62 -18.45 32.48 -31.32
C ARG C 62 -18.20 33.89 -31.84
N GLY C 63 -18.88 34.30 -32.90
CA GLY C 63 -18.73 35.64 -33.40
C GLY C 63 -19.26 36.64 -32.40
N ILE C 64 -20.55 36.51 -32.07
CA ILE C 64 -21.21 37.45 -31.16
C ILE C 64 -20.83 37.27 -29.71
N LEU C 65 -20.01 36.26 -29.38
CA LEU C 65 -19.61 35.96 -28.01
C LEU C 65 -18.12 36.18 -27.84
N THR C 66 -17.74 36.74 -26.69
CA THR C 66 -16.35 36.74 -26.26
C THR C 66 -16.09 35.45 -25.49
N LEU C 67 -15.00 34.77 -25.83
CA LEU C 67 -14.68 33.47 -25.26
C LEU C 67 -13.65 33.60 -24.16
N LYS C 68 -13.82 32.82 -23.10
CA LYS C 68 -12.81 32.67 -22.07
C LYS C 68 -12.52 31.18 -21.87
N TYR C 69 -11.23 30.85 -21.75
CA TYR C 69 -10.80 29.50 -21.44
C TYR C 69 -10.57 29.40 -19.94
N PRO C 70 -11.35 28.60 -19.20
CA PRO C 70 -11.12 28.53 -17.74
C PRO C 70 -9.84 27.82 -17.35
N ILE C 71 -9.28 26.97 -18.21
CA ILE C 71 -8.02 26.27 -17.94
C ILE C 71 -6.94 26.89 -18.81
N GLU C 72 -5.87 27.35 -18.18
CA GLU C 72 -4.74 27.92 -18.89
C GLU C 72 -3.48 27.10 -18.62
N GLY C 74 -3.01 24.12 -18.73
CA GLY C 74 -3.36 22.93 -17.98
C GLY C 74 -3.83 23.15 -16.56
N ILE C 75 -3.79 24.41 -16.09
CA ILE C 75 -4.13 24.75 -14.71
CA ILE C 75 -4.13 24.74 -14.71
C ILE C 75 -5.48 25.47 -14.70
N ILE C 76 -6.35 25.04 -13.79
CA ILE C 76 -7.64 25.72 -13.61
C ILE C 76 -7.38 27.09 -13.01
N THR C 77 -7.82 28.15 -13.69
CA THR C 77 -7.62 29.50 -13.20
C THR C 77 -8.90 30.32 -13.05
N ASN C 78 -10.02 29.91 -13.65
CA ASN C 78 -11.30 30.59 -13.48
C ASN C 78 -12.29 29.56 -12.93
N TRP C 79 -12.49 29.60 -11.62
CA TRP C 79 -13.25 28.55 -10.96
C TRP C 79 -14.75 28.67 -11.20
N ASP C 80 -15.27 29.90 -11.30
CA ASP C 80 -16.69 30.06 -11.61
C ASP C 80 -17.00 29.46 -12.98
N ASP C 81 -16.17 29.77 -13.98
CA ASP C 81 -16.40 29.23 -15.31
C ASP C 81 -16.09 27.74 -15.40
N MET C 82 -15.12 27.25 -14.62
CA MET C 82 -14.89 25.82 -14.59
C MET C 82 -16.11 25.08 -14.07
N GLU C 83 -16.76 25.62 -13.03
CA GLU C 83 -18.00 25.03 -12.54
C GLU C 83 -19.02 24.90 -13.65
N LYS C 84 -19.13 25.92 -14.51
CA LYS C 84 -20.06 25.88 -15.62
C LYS C 84 -19.74 24.74 -16.59
N ILE C 85 -18.46 24.52 -16.88
CA ILE C 85 -18.09 23.45 -17.80
C ILE C 85 -18.41 22.09 -17.21
N TRP C 86 -18.17 21.93 -15.91
CA TRP C 86 -18.50 20.66 -15.26
C TRP C 86 -20.01 20.44 -15.25
N HIS C 87 -20.78 21.47 -14.90
CA HIS C 87 -22.23 21.36 -14.96
C HIS C 87 -22.69 20.97 -16.36
N HIS C 88 -22.15 21.66 -17.37
CA HIS C 88 -22.48 21.33 -18.75
C HIS C 88 -22.10 19.89 -19.06
N THR C 89 -20.90 19.47 -18.65
CA THR C 89 -20.45 18.10 -18.87
C THR C 89 -21.48 17.10 -18.34
N PHE C 90 -21.84 17.23 -17.07
CA PHE C 90 -22.76 16.27 -16.46
C PHE C 90 -24.13 16.31 -17.13
N TYR C 91 -24.76 17.48 -17.13
CA TYR C 91 -26.19 17.59 -17.42
C TYR C 91 -26.52 17.70 -18.90
N ASN C 92 -25.69 18.39 -19.68
CA ASN C 92 -26.00 18.63 -21.09
C ASN C 92 -25.31 17.65 -22.03
N GLU C 93 -24.03 17.35 -21.81
CA GLU C 93 -23.29 16.47 -22.70
C GLU C 93 -23.47 15.00 -22.33
N LEU C 94 -23.10 14.62 -21.10
CA LEU C 94 -23.28 13.24 -20.66
C LEU C 94 -24.71 12.95 -20.23
N ARG C 95 -25.51 13.98 -19.93
CA ARG C 95 -26.92 13.81 -19.57
C ARG C 95 -27.06 12.84 -18.39
N VAL C 96 -26.19 13.01 -17.40
CA VAL C 96 -26.29 12.29 -16.13
C VAL C 96 -26.50 13.33 -15.04
N ALA C 97 -27.01 12.88 -13.90
CA ALA C 97 -26.98 13.69 -12.68
C ALA C 97 -25.78 13.31 -11.85
N PRO C 98 -24.93 14.25 -11.45
CA PRO C 98 -23.65 13.88 -10.83
C PRO C 98 -23.75 13.10 -9.53
N GLU C 99 -24.83 13.28 -8.74
CA GLU C 99 -24.92 12.49 -7.50
C GLU C 99 -25.01 11.00 -7.78
N GLU C 100 -25.10 10.61 -9.05
CA GLU C 100 -25.36 9.25 -9.45
C GLU C 100 -24.11 8.44 -9.74
N HIS C 101 -22.95 9.09 -9.86
CA HIS C 101 -21.80 8.45 -10.46
C HIS C 101 -20.48 8.81 -9.80
N PRO C 102 -19.68 7.82 -9.41
CA PRO C 102 -18.28 8.09 -9.11
C PRO C 102 -17.64 8.77 -10.31
N THR C 103 -16.78 9.76 -10.04
CA THR C 103 -16.26 10.63 -11.09
C THR C 103 -14.75 10.69 -11.01
N LEU C 104 -14.08 10.20 -12.05
CA LEU C 104 -12.64 10.35 -12.17
C LEU C 104 -12.33 11.59 -12.99
N LEU C 105 -11.51 12.47 -12.43
CA LEU C 105 -11.05 13.65 -13.12
C LEU C 105 -9.54 13.57 -13.28
N THR C 106 -9.01 14.39 -14.18
CA THR C 106 -7.59 14.45 -14.44
C THR C 106 -7.06 15.84 -14.08
N GLU C 107 -5.75 15.93 -13.92
CA GLU C 107 -5.11 17.18 -13.57
C GLU C 107 -3.73 17.22 -14.23
N ALA C 108 -3.20 18.42 -14.34
CA ALA C 108 -1.88 18.58 -14.91
C ALA C 108 -0.81 18.13 -13.92
N PRO C 109 0.35 17.71 -14.43
CA PRO C 109 1.51 17.53 -13.53
C PRO C 109 1.78 18.80 -12.75
N LEU C 110 2.17 18.64 -11.49
CA LEU C 110 2.57 19.74 -10.62
C LEU C 110 1.42 20.69 -10.32
N ASN C 111 0.18 20.24 -10.48
CA ASN C 111 -0.97 21.05 -10.10
C ASN C 111 -0.84 21.46 -8.64
N PRO C 112 -0.95 22.74 -8.31
CA PRO C 112 -0.79 23.15 -6.90
C PRO C 112 -1.78 22.44 -5.99
N LYS C 113 -1.36 22.25 -4.73
CA LYS C 113 -2.22 21.51 -3.80
C LYS C 113 -3.56 22.20 -3.58
N ALA C 114 -3.55 23.53 -3.51
CA ALA C 114 -4.81 24.25 -3.29
C ALA C 114 -5.78 24.00 -4.43
N ASN C 115 -5.28 23.86 -5.65
CA ASN C 115 -6.15 23.57 -6.78
C ASN C 115 -6.79 22.19 -6.63
N ARG C 116 -6.01 21.19 -6.22
CA ARG C 116 -6.57 19.85 -6.04
C ARG C 116 -7.62 19.84 -4.93
N GLU C 117 -7.41 20.63 -3.87
CA GLU C 117 -8.41 20.73 -2.83
C GLU C 117 -9.69 21.36 -3.36
N LYS C 118 -9.57 22.45 -4.12
CA LYS C 118 -10.75 23.15 -4.60
C LYS C 118 -11.57 22.27 -5.53
N MET C 119 -10.91 21.54 -6.43
CA MET C 119 -11.62 20.60 -7.29
C MET C 119 -12.41 19.58 -6.46
N THR C 120 -11.77 19.00 -5.44
CA THR C 120 -12.46 18.02 -4.61
C THR C 120 -13.64 18.65 -3.88
N GLN C 121 -13.43 19.82 -3.29
CA GLN C 121 -14.51 20.53 -2.61
C GLN C 121 -15.72 20.68 -3.52
N ILE C 122 -15.51 21.19 -4.73
CA ILE C 122 -16.64 21.49 -5.62
C ILE C 122 -17.36 20.21 -6.01
N MET C 123 -16.61 19.15 -6.33
CA MET C 123 -17.25 17.91 -6.76
C MET C 123 -18.17 17.37 -5.67
N PHE C 124 -17.74 17.44 -4.40
CA PHE C 124 -18.55 16.87 -3.33
C PHE C 124 -19.63 17.83 -2.85
N GLU C 125 -19.32 19.12 -2.73
CA GLU C 125 -20.26 20.05 -2.12
C GLU C 125 -21.19 20.71 -3.12
N THR C 126 -20.73 20.95 -4.36
CA THR C 126 -21.60 21.52 -5.38
C THR C 126 -22.32 20.45 -6.20
N PHE C 127 -21.59 19.44 -6.67
CA PHE C 127 -22.17 18.42 -7.52
C PHE C 127 -22.52 17.14 -6.77
N ASN C 128 -22.11 17.02 -5.50
CA ASN C 128 -22.59 15.96 -4.62
C ASN C 128 -22.28 14.58 -5.17
N VAL C 129 -21.16 14.43 -5.87
CA VAL C 129 -20.77 13.13 -6.41
C VAL C 129 -20.64 12.15 -5.25
N PRO C 130 -20.98 10.87 -5.45
CA PRO C 130 -20.81 9.90 -4.36
C PRO C 130 -19.36 9.52 -4.12
N ALA C 131 -18.50 9.67 -5.11
CA ALA C 131 -17.10 9.28 -5.01
C ALA C 131 -16.35 9.98 -6.12
N MET C 132 -15.03 10.10 -5.95
CA MET C 132 -14.24 10.76 -6.98
C MET C 132 -12.78 10.35 -6.82
N TYR C 133 -12.00 10.66 -7.86
CA TYR C 133 -10.57 10.43 -7.88
C TYR C 133 -9.96 11.41 -8.88
N VAL C 134 -8.76 11.89 -8.58
CA VAL C 134 -8.01 12.74 -9.48
C VAL C 134 -6.71 12.04 -9.83
N ALA C 135 -6.43 11.92 -11.13
CA ALA C 135 -5.24 11.27 -11.62
C ALA C 135 -4.46 12.21 -12.51
N ILE C 136 -3.14 12.00 -12.58
CA ILE C 136 -2.28 12.83 -13.41
C ILE C 136 -2.41 12.38 -14.85
N GLN C 137 -2.59 13.34 -15.76
CA GLN C 137 -2.91 13.03 -17.15
C GLN C 137 -1.87 12.10 -17.76
N ALA C 138 -0.59 12.45 -17.62
CA ALA C 138 0.46 11.66 -18.26
C ALA C 138 0.50 10.23 -17.72
N VAL C 139 0.18 10.04 -16.44
CA VAL C 139 0.15 8.69 -15.89
C VAL C 139 -0.93 7.86 -16.57
N LEU C 140 -2.11 8.43 -16.77
CA LEU C 140 -3.18 7.71 -17.43
C LEU C 140 -2.78 7.31 -18.85
N SER C 141 -2.12 8.22 -19.58
N SER C 141 -2.09 8.21 -19.58
CA SER C 141 -1.65 7.90 -20.92
CA SER C 141 -1.67 7.87 -20.94
C SER C 141 -0.71 6.71 -20.90
C SER C 141 -0.67 6.73 -20.94
N LEU C 142 0.21 6.67 -19.93
CA LEU C 142 1.14 5.55 -19.84
C LEU C 142 0.38 4.24 -19.60
N TYR C 143 -0.57 4.26 -18.67
CA TYR C 143 -1.39 3.06 -18.44
C TYR C 143 -2.09 2.63 -19.71
N ALA C 144 -2.61 3.58 -20.48
CA ALA C 144 -3.31 3.25 -21.71
C ALA C 144 -2.41 2.51 -22.68
N SER C 145 -1.11 2.81 -22.66
CA SER C 145 -0.16 2.11 -23.52
C SER C 145 0.23 0.74 -22.97
N GLY C 146 -0.28 0.36 -21.80
CA GLY C 146 0.04 -0.92 -21.22
C GLY C 146 1.29 -0.94 -20.38
N ARG C 147 1.76 0.22 -19.92
CA ARG C 147 3.00 0.34 -19.17
C ARG C 147 2.74 0.96 -17.80
N THR C 148 3.58 0.61 -16.84
CA THR C 148 3.67 1.31 -15.57
C THR C 148 5.01 2.01 -15.39
N THR C 149 5.97 1.82 -16.30
CA THR C 149 7.22 2.54 -16.30
C THR C 149 7.47 3.12 -17.68
N GLY C 150 7.92 4.37 -17.71
CA GLY C 150 8.22 5.04 -18.96
C GLY C 150 8.27 6.54 -18.73
N ILE C 151 8.58 7.26 -19.80
CA ILE C 151 8.57 8.71 -19.78
C ILE C 151 7.60 9.19 -20.84
N VAL C 152 6.62 9.98 -20.43
CA VAL C 152 5.57 10.46 -21.31
C VAL C 152 5.92 11.86 -21.79
N LEU C 153 5.73 12.09 -23.08
CA LEU C 153 5.65 13.44 -23.63
C LEU C 153 4.17 13.70 -23.89
N ASP C 154 3.57 14.56 -23.07
CA ASP C 154 2.16 14.94 -23.21
C ASP C 154 2.12 16.39 -23.67
N SER C 155 1.63 16.60 -24.90
CA SER C 155 1.57 17.92 -25.50
C SER C 155 0.17 18.12 -26.07
N GLY C 156 -0.56 19.08 -25.50
CA GLY C 156 -1.94 19.30 -25.90
C GLY C 156 -2.14 20.65 -26.56
N ASP C 157 -3.10 21.43 -26.08
CA ASP C 157 -3.39 22.74 -26.63
C ASP C 157 -2.68 23.86 -25.90
N GLY C 158 -2.44 23.70 -24.60
CA GLY C 158 -1.95 24.80 -23.79
C GLY C 158 -0.63 24.53 -23.09
N VAL C 159 -0.22 23.28 -22.94
CA VAL C 159 1.01 22.98 -22.21
C VAL C 159 1.58 21.65 -22.70
N THR C 160 2.91 21.52 -22.57
CA THR C 160 3.66 20.31 -22.86
C THR C 160 4.43 19.89 -21.61
N HIS C 161 4.41 18.60 -21.29
CA HIS C 161 5.16 18.09 -20.16
C HIS C 161 5.99 16.88 -20.55
N ASN C 162 7.13 16.73 -19.88
CA ASN C 162 7.89 15.49 -19.82
C ASN C 162 7.67 14.90 -18.44
N VAL C 163 7.11 13.69 -18.38
CA VAL C 163 6.76 13.09 -17.10
C VAL C 163 7.34 11.68 -17.00
N PRO C 164 8.44 11.49 -16.28
CA PRO C 164 8.91 10.12 -16.02
C PRO C 164 8.09 9.44 -14.95
N ILE C 165 7.82 8.16 -15.17
CA ILE C 165 6.93 7.38 -14.32
C ILE C 165 7.61 6.03 -14.06
N TYR C 166 7.66 5.62 -12.79
CA TYR C 166 8.32 4.39 -12.41
C TYR C 166 7.39 3.55 -11.54
N GLU C 167 7.19 2.28 -11.93
CA GLU C 167 6.36 1.35 -11.18
C GLU C 167 5.03 2.00 -10.78
N GLY C 168 4.43 2.75 -11.71
CA GLY C 168 3.09 3.25 -11.54
C GLY C 168 2.97 4.69 -11.10
N TYR C 169 4.07 5.34 -10.69
CA TYR C 169 3.99 6.64 -10.04
C TYR C 169 4.92 7.63 -10.72
N ALA C 170 4.40 8.84 -10.96
CA ALA C 170 5.22 9.91 -11.51
C ALA C 170 6.31 10.34 -10.53
N LEU C 171 7.41 10.84 -11.07
CA LEU C 171 8.52 11.40 -10.29
C LEU C 171 8.45 12.92 -10.45
N PRO C 172 7.75 13.63 -9.57
CA PRO C 172 7.57 15.08 -9.80
C PRO C 172 8.85 15.89 -9.82
N HIS C 173 9.89 15.47 -9.08
CA HIS C 173 11.14 16.23 -9.08
C HIS C 173 11.78 16.26 -10.46
N ALA C 174 11.44 15.33 -11.34
CA ALA C 174 12.03 15.24 -12.67
C ALA C 174 11.09 15.67 -13.78
N ILE C 175 9.89 16.14 -13.45
CA ILE C 175 8.94 16.58 -14.47
C ILE C 175 9.37 17.94 -15.01
N MET C 176 9.30 18.10 -16.33
CA MET C 176 9.56 19.36 -16.99
C MET C 176 8.28 19.90 -17.62
N ARG C 177 8.08 21.20 -17.52
CA ARG C 177 6.93 21.88 -18.11
C ARG C 177 7.42 22.88 -19.16
N LEU C 178 6.70 22.93 -20.27
CA LEU C 178 7.00 23.84 -21.38
C LEU C 178 5.71 24.52 -21.81
N ASP C 179 5.65 25.84 -21.65
CA ASP C 179 4.46 26.61 -22.01
C ASP C 179 4.42 26.85 -23.52
N LEU C 180 4.36 25.75 -24.26
CA LEU C 180 4.40 25.78 -25.73
C LEU C 180 3.70 24.52 -26.20
N ALA C 181 2.59 24.69 -26.91
CA ALA C 181 1.77 23.56 -27.31
C ALA C 181 0.95 23.96 -28.54
N GLY C 182 -0.17 23.27 -28.76
CA GLY C 182 -0.85 23.37 -30.05
C GLY C 182 -1.33 24.77 -30.37
N ARG C 183 -1.82 25.50 -29.36
CA ARG C 183 -2.35 26.83 -29.62
C ARG C 183 -1.24 27.79 -30.06
N ASP C 184 -0.06 27.68 -29.45
CA ASP C 184 1.06 28.51 -29.87
C ASP C 184 1.52 28.15 -31.28
N LEU C 185 1.44 26.87 -31.66
CA LEU C 185 1.80 26.47 -33.01
C LEU C 185 0.83 27.05 -34.02
N THR C 186 -0.46 27.03 -33.71
CA THR C 186 -1.45 27.66 -34.57
C THR C 186 -1.17 29.15 -34.74
N ASP C 187 -0.91 29.84 -33.63
CA ASP C 187 -0.60 31.27 -33.71
C ASP C 187 0.63 31.50 -34.58
N TYR C 188 1.62 30.61 -34.48
CA TYR C 188 2.82 30.79 -35.28
C TYR C 188 2.54 30.55 -36.77
N LEU C 189 1.75 29.51 -37.09
CA LEU C 189 1.39 29.30 -38.49
C LEU C 189 0.65 30.51 -39.05
N MET C 190 -0.25 31.11 -38.25
CA MET C 190 -0.90 32.34 -38.69
C MET C 190 0.13 33.40 -39.05
N LYS C 191 1.18 33.52 -38.24
CA LYS C 191 2.17 34.57 -38.47
C LYS C 191 2.96 34.32 -39.75
N ILE C 192 3.48 33.11 -39.94
CA ILE C 192 4.33 32.87 -41.09
C ILE C 192 3.53 32.77 -42.38
N LEU C 193 2.21 32.54 -42.30
CA LEU C 193 1.40 32.56 -43.50
C LEU C 193 1.36 33.93 -44.15
N THR C 194 1.73 35.00 -43.42
CA THR C 194 1.81 36.32 -44.04
C THR C 194 2.91 36.38 -45.09
N GLU C 195 3.88 35.45 -45.06
CA GLU C 195 4.96 35.48 -46.04
C GLU C 195 4.44 35.22 -47.44
N ARG C 196 3.37 34.44 -47.57
CA ARG C 196 2.68 34.24 -48.84
C ARG C 196 1.56 35.25 -49.06
N GLY C 197 1.50 36.31 -48.25
CA GLY C 197 0.48 37.32 -48.40
C GLY C 197 -0.84 37.01 -47.76
N TYR C 198 -0.94 35.90 -47.02
CA TYR C 198 -2.19 35.49 -46.40
C TYR C 198 -2.35 36.15 -45.04
N SER C 199 -3.54 36.69 -44.79
CA SER C 199 -3.89 37.29 -43.51
C SER C 199 -4.94 36.43 -42.81
N PHE C 200 -4.56 35.81 -41.70
CA PHE C 200 -5.48 35.15 -40.79
C PHE C 200 -5.30 35.80 -39.42
N VAL C 201 -6.38 36.42 -38.92
CA VAL C 201 -6.27 37.26 -37.73
C VAL C 201 -7.37 36.97 -36.71
N THR C 202 -8.61 36.87 -37.17
CA THR C 202 -9.74 36.80 -36.25
C THR C 202 -9.80 35.45 -35.53
N THR C 203 -10.67 35.41 -34.51
CA THR C 203 -10.93 34.16 -33.80
C THR C 203 -11.35 33.07 -34.78
N ALA C 204 -12.26 33.40 -35.70
CA ALA C 204 -12.72 32.40 -36.65
C ALA C 204 -11.62 32.04 -37.64
N GLU C 205 -10.83 33.02 -38.06
CA GLU C 205 -9.71 32.73 -38.97
C GLU C 205 -8.64 31.92 -38.27
N ARG C 206 -8.41 32.16 -36.99
CA ARG C 206 -7.50 31.31 -36.22
C ARG C 206 -7.95 29.87 -36.25
N GLU C 207 -9.27 29.62 -36.15
CA GLU C 207 -9.77 28.26 -36.21
C GLU C 207 -9.49 27.62 -37.57
N ILE C 208 -9.59 28.41 -38.64
CA ILE C 208 -9.25 27.88 -39.95
C ILE C 208 -7.78 27.45 -39.97
N VAL C 209 -6.89 28.26 -39.39
CA VAL C 209 -5.48 27.92 -39.41
C VAL C 209 -5.22 26.67 -38.55
N ARG C 210 -5.93 26.54 -37.43
CA ARG C 210 -5.80 25.29 -36.66
C ARG C 210 -6.11 24.09 -37.53
N ASP C 211 -7.17 24.16 -38.33
CA ASP C 211 -7.50 23.06 -39.22
C ASP C 211 -6.41 22.87 -40.28
N ILE C 212 -5.88 23.96 -40.83
CA ILE C 212 -4.77 23.85 -41.77
C ILE C 212 -3.60 23.14 -41.10
N LYS C 213 -3.23 23.60 -39.90
CA LYS C 213 -2.15 22.98 -39.15
C LYS C 213 -2.36 21.48 -39.02
N GLU C 214 -3.55 21.06 -38.60
CA GLU C 214 -3.80 19.65 -38.33
C GLU C 214 -3.76 18.81 -39.60
N LYS C 215 -4.17 19.38 -40.73
CA LYS C 215 -4.30 18.60 -41.95
C LYS C 215 -3.04 18.56 -42.80
N LEU C 216 -2.18 19.60 -42.76
CA LEU C 216 -1.08 19.70 -43.69
C LEU C 216 0.31 19.75 -43.07
N CYS C 217 0.43 19.95 -41.76
CA CYS C 217 1.74 20.11 -41.15
C CYS C 217 2.37 18.75 -40.83
N TYR C 218 3.71 18.76 -40.75
CA TYR C 218 4.46 17.58 -40.37
C TYR C 218 5.81 18.01 -39.82
N VAL C 219 6.48 17.09 -39.14
CA VAL C 219 7.80 17.32 -38.57
C VAL C 219 8.84 16.73 -39.53
N ALA C 220 9.76 17.57 -40.00
CA ALA C 220 10.82 17.11 -40.87
C ALA C 220 11.84 16.30 -40.08
N LEU C 221 12.37 15.25 -40.70
CA LEU C 221 13.42 14.47 -40.06
C LEU C 221 14.72 15.26 -39.99
N ASP C 222 15.04 15.97 -41.07
CA ASP C 222 16.24 16.81 -41.14
C ASP C 222 15.73 18.19 -41.56
N PHE C 223 15.51 19.07 -40.58
CA PHE C 223 14.89 20.35 -40.87
C PHE C 223 15.72 21.17 -41.85
N GLU C 224 17.04 21.19 -41.65
CA GLU C 224 17.91 22.01 -42.50
C GLU C 224 17.84 21.54 -43.95
N ASN C 225 17.89 20.22 -44.16
CA ASN C 225 17.80 19.70 -45.53
C ASN C 225 16.41 19.93 -46.12
N GLU C 226 15.37 19.83 -45.29
CA GLU C 226 14.02 20.07 -45.78
C GLU C 226 13.85 21.50 -46.26
N MET C 227 14.48 22.46 -45.57
CA MET C 227 14.42 23.85 -46.00
C MET C 227 15.17 24.06 -47.30
N ALA C 228 16.39 23.52 -47.40
CA ALA C 228 17.24 23.79 -48.55
C ALA C 228 16.66 23.19 -49.84
N THR C 229 15.95 22.07 -49.74
CA THR C 229 15.35 21.43 -50.90
C THR C 229 13.90 21.84 -51.13
N ALA C 230 13.35 22.71 -50.26
CA ALA C 230 11.96 23.11 -50.41
C ALA C 230 11.67 23.74 -51.77
N ALA C 231 12.64 24.45 -52.34
CA ALA C 231 12.42 25.13 -53.61
C ALA C 231 12.20 24.14 -54.75
N SER C 232 13.11 23.16 -54.88
CA SER C 232 13.08 22.19 -55.96
C SER C 232 12.08 21.06 -55.74
N SER C 233 11.47 20.95 -54.57
CA SER C 233 10.67 19.78 -54.23
C SER C 233 9.38 19.71 -55.04
N SER C 234 9.15 18.55 -55.65
CA SER C 234 7.92 18.32 -56.41
C SER C 234 6.70 18.32 -55.49
N SER C 235 6.79 17.61 -54.36
CA SER C 235 5.62 17.24 -53.57
C SER C 235 5.45 18.02 -52.29
N LEU C 236 6.24 19.08 -52.06
CA LEU C 236 6.13 19.79 -50.78
C LEU C 236 4.86 20.62 -50.71
N GLU C 237 4.55 21.37 -51.77
CA GLU C 237 3.43 22.30 -51.72
C GLU C 237 2.10 21.54 -51.73
N LYS C 238 1.20 21.98 -50.86
CA LYS C 238 -0.13 21.39 -50.72
C LYS C 238 -1.17 22.49 -50.74
N SER C 239 -2.37 22.15 -51.21
CA SER C 239 -3.48 23.08 -51.28
C SER C 239 -4.48 22.78 -50.18
N TYR C 240 -5.21 23.83 -49.78
CA TYR C 240 -6.21 23.74 -48.72
C TYR C 240 -7.41 24.58 -49.12
N GLU C 241 -8.60 23.99 -49.07
CA GLU C 241 -9.83 24.69 -49.45
C GLU C 241 -10.48 25.28 -48.21
N LEU C 242 -10.66 26.58 -48.21
CA LEU C 242 -11.27 27.29 -47.10
C LEU C 242 -12.78 27.08 -47.10
N PRO C 243 -13.43 27.34 -45.97
CA PRO C 243 -14.90 27.18 -45.94
C PRO C 243 -15.63 27.90 -47.06
N ASP C 244 -15.20 29.12 -47.43
CA ASP C 244 -15.86 29.88 -48.48
C ASP C 244 -15.60 29.34 -49.87
N GLY C 245 -14.81 28.26 -50.01
CA GLY C 245 -14.46 27.72 -51.30
C GLY C 245 -13.14 28.19 -51.87
N GLN C 246 -12.58 29.29 -51.35
CA GLN C 246 -11.30 29.76 -51.84
C GLN C 246 -10.19 28.80 -51.40
N VAL C 247 -9.13 28.76 -52.19
CA VAL C 247 -8.02 27.83 -51.99
C VAL C 247 -6.77 28.61 -51.62
N ILE C 248 -5.97 28.06 -50.71
CA ILE C 248 -4.64 28.57 -50.42
C ILE C 248 -3.63 27.46 -50.72
N THR C 249 -2.37 27.87 -50.86
CA THR C 249 -1.25 26.95 -51.03
C THR C 249 -0.16 27.30 -50.03
N ILE C 250 0.40 26.28 -49.38
CA ILE C 250 1.53 26.46 -48.48
C ILE C 250 2.60 25.43 -48.82
N GLY C 251 3.82 25.72 -48.40
CA GLY C 251 4.95 24.88 -48.68
C GLY C 251 5.75 24.56 -47.43
N ASN C 252 6.89 25.24 -47.24
CA ASN C 252 7.73 24.92 -46.09
C ASN C 252 7.09 25.34 -44.77
N GLU C 253 6.02 26.14 -44.82
CA GLU C 253 5.25 26.39 -43.60
C GLU C 253 4.74 25.09 -43.01
N ARG C 254 4.54 24.05 -43.84
CA ARG C 254 4.01 22.79 -43.36
C ARG C 254 4.87 22.22 -42.24
N PHE C 255 6.19 22.33 -42.35
CA PHE C 255 7.08 21.75 -41.35
C PHE C 255 7.80 22.80 -40.50
N ARG C 256 7.81 24.06 -40.91
CA ARG C 256 8.36 25.10 -40.05
C ARG C 256 7.50 25.30 -38.82
N CYS C 257 6.17 25.15 -38.94
CA CYS C 257 5.29 25.35 -37.79
C CYS C 257 5.61 24.39 -36.66
N PRO C 258 5.53 23.06 -36.83
CA PRO C 258 5.85 22.15 -35.72
C PRO C 258 7.33 22.01 -35.42
N GLU C 259 8.22 22.53 -36.28
CA GLU C 259 9.64 22.60 -35.91
C GLU C 259 9.81 23.38 -34.62
N THR C 260 8.89 24.30 -34.34
CA THR C 260 8.96 25.08 -33.11
C THR C 260 9.07 24.22 -31.87
N LEU C 261 8.47 23.01 -31.88
CA LEU C 261 8.55 22.14 -30.71
C LEU C 261 10.00 21.79 -30.40
N PHE C 262 10.82 21.65 -31.44
CA PHE C 262 12.24 21.33 -31.26
C PHE C 262 13.12 22.56 -31.21
N GLN C 263 12.65 23.69 -31.73
CA GLN C 263 13.38 24.96 -31.71
C GLN C 263 12.43 26.05 -31.23
N PRO C 264 12.22 26.16 -29.91
CA PRO C 264 11.27 27.17 -29.40
C PRO C 264 11.68 28.60 -29.68
N SER C 265 12.92 28.87 -30.07
CA SER C 265 13.29 30.23 -30.44
C SER C 265 12.50 30.73 -31.64
N PHE C 266 11.89 29.84 -32.41
CA PHE C 266 11.08 30.29 -33.53
C PHE C 266 9.99 31.26 -33.10
N ILE C 267 9.49 31.12 -31.87
CA ILE C 267 8.52 32.05 -31.33
C ILE C 267 9.10 32.87 -30.17
N GLY C 268 10.43 32.99 -30.11
CA GLY C 268 11.05 33.86 -29.13
C GLY C 268 11.10 33.33 -27.71
N MET C 269 11.03 32.02 -27.53
CA MET C 269 11.23 31.39 -26.23
C MET C 269 12.65 30.85 -26.13
N GLU C 270 13.25 31.00 -24.94
CA GLU C 270 14.60 30.51 -24.71
C GLU C 270 14.62 29.15 -24.01
N SER C 271 13.50 28.45 -24.01
CA SER C 271 13.49 27.07 -23.55
C SER C 271 14.14 26.15 -24.57
N ALA C 272 14.67 25.04 -24.08
CA ALA C 272 15.13 23.96 -24.95
C ALA C 272 13.92 23.28 -25.60
N GLY C 273 14.18 22.59 -26.69
CA GLY C 273 13.14 21.85 -27.37
C GLY C 273 12.76 20.58 -26.63
N ILE C 274 11.68 19.96 -27.10
CA ILE C 274 11.08 18.83 -26.38
C ILE C 274 12.01 17.62 -26.35
N HIS C 275 12.92 17.50 -27.33
CA HIS C 275 13.92 16.43 -27.27
C HIS C 275 14.89 16.66 -26.13
N GLU C 276 15.31 17.91 -25.91
CA GLU C 276 16.28 18.21 -24.88
C GLU C 276 15.65 18.17 -23.49
N THR C 277 14.40 18.63 -23.36
CA THR C 277 13.73 18.57 -22.07
C THR C 277 13.40 17.12 -21.68
N THR C 278 13.19 16.26 -22.68
CA THR C 278 13.10 14.83 -22.40
C THR C 278 14.42 14.33 -21.81
N TYR C 279 15.54 14.66 -22.46
CA TYR C 279 16.83 14.24 -21.94
C TYR C 279 17.06 14.79 -20.54
N ASN C 280 16.80 16.08 -20.35
CA ASN C 280 17.00 16.68 -19.03
C ASN C 280 16.14 15.98 -17.98
N SER C 281 14.90 15.64 -18.33
CA SER C 281 14.03 14.94 -17.39
C SER C 281 14.62 13.59 -17.00
N ILE C 282 15.08 12.82 -17.99
CA ILE C 282 15.67 11.51 -17.70
C ILE C 282 16.90 11.66 -16.82
N MET C 283 17.70 12.70 -17.06
CA MET C 283 18.94 12.85 -16.31
C MET C 283 18.70 13.28 -14.87
N LYS C 284 17.50 13.76 -14.54
CA LYS C 284 17.15 14.03 -13.16
C LYS C 284 16.71 12.77 -12.41
N CYS C 285 16.57 11.65 -13.11
CA CYS C 285 16.18 10.38 -12.51
C CYS C 285 17.40 9.54 -12.20
N ASP C 286 17.21 8.56 -11.32
CA ASP C 286 18.31 7.70 -10.91
C ASP C 286 18.89 6.95 -12.11
N ILE C 287 20.22 6.79 -12.08
CA ILE C 287 20.93 6.10 -13.16
C ILE C 287 20.27 4.76 -13.46
N ASP C 288 19.82 4.04 -12.43
CA ASP C 288 19.39 2.66 -12.61
C ASP C 288 18.02 2.52 -13.28
N ILE C 289 17.28 3.61 -13.48
CA ILE C 289 15.99 3.54 -14.17
C ILE C 289 16.00 4.22 -15.53
N ARG C 290 17.09 4.90 -15.90
CA ARG C 290 17.09 5.66 -17.15
C ARG C 290 16.89 4.77 -18.36
N LYS C 291 17.51 3.58 -18.38
CA LYS C 291 17.35 2.73 -19.55
C LYS C 291 15.88 2.31 -19.72
N ASP C 292 15.15 2.13 -18.63
CA ASP C 292 13.73 1.84 -18.74
C ASP C 292 12.95 3.03 -19.30
N LEU C 293 13.40 4.26 -19.00
CA LEU C 293 12.73 5.44 -19.55
C LEU C 293 13.06 5.61 -21.03
N TYR C 294 14.34 5.47 -21.39
CA TYR C 294 14.75 5.59 -22.78
C TYR C 294 13.99 4.62 -23.67
N ALA C 295 13.74 3.40 -23.18
CA ALA C 295 13.09 2.37 -23.98
C ALA C 295 11.57 2.51 -24.00
N ASN C 296 11.02 3.52 -23.33
CA ASN C 296 9.57 3.64 -23.18
C ASN C 296 9.16 5.11 -23.20
N ASN C 297 9.51 5.82 -24.28
CA ASN C 297 9.06 7.18 -24.50
CA ASN C 297 9.05 7.19 -24.48
C ASN C 297 7.69 7.13 -25.16
N VAL C 298 6.64 7.42 -24.41
CA VAL C 298 5.27 7.37 -24.90
C VAL C 298 4.80 8.80 -25.15
N MET C 299 4.31 9.06 -26.35
CA MET C 299 3.75 10.36 -26.71
C MET C 299 2.23 10.35 -26.55
N SER C 300 1.68 11.46 -26.08
CA SER C 300 0.24 11.59 -25.90
C SER C 300 -0.15 13.04 -26.10
N GLY C 301 -1.41 13.25 -26.47
CA GLY C 301 -1.93 14.57 -26.70
C GLY C 301 -2.03 14.89 -28.18
N GLY C 302 -2.92 15.83 -28.51
CA GLY C 302 -3.18 16.15 -29.90
C GLY C 302 -1.97 16.69 -30.63
N THR C 303 -1.07 17.38 -29.92
CA THR C 303 0.08 18.00 -30.58
C THR C 303 1.19 17.02 -30.90
N THR C 304 1.10 15.76 -30.46
CA THR C 304 2.01 14.71 -30.90
C THR C 304 1.48 13.96 -32.12
N MET C 305 0.47 14.51 -32.80
CA MET C 305 -0.13 13.85 -33.95
C MET C 305 0.64 14.08 -35.24
N TYR C 306 1.54 15.05 -35.26
CA TYR C 306 2.20 15.41 -36.51
C TYR C 306 2.89 14.19 -37.12
N PRO C 307 2.69 13.92 -38.42
CA PRO C 307 3.50 12.90 -39.08
C PRO C 307 4.98 13.23 -38.92
N GLY C 308 5.77 12.20 -38.63
CA GLY C 308 7.20 12.35 -38.52
C GLY C 308 7.75 12.69 -37.14
N ILE C 309 6.89 12.96 -36.16
CA ILE C 309 7.40 13.44 -34.87
C ILE C 309 8.10 12.33 -34.11
N ALA C 310 7.57 11.11 -34.16
CA ALA C 310 8.22 10.00 -33.44
C ALA C 310 9.60 9.71 -34.03
N ASP C 311 9.70 9.68 -35.36
CA ASP C 311 10.99 9.43 -36.00
C ASP C 311 11.98 10.54 -35.67
N ARG C 312 11.52 11.80 -35.67
CA ARG C 312 12.41 12.90 -35.29
C ARG C 312 12.85 12.77 -33.84
N MET C 313 11.92 12.45 -32.95
CA MET C 313 12.28 12.27 -31.54
C MET C 313 13.31 11.17 -31.38
N GLN C 314 13.10 10.04 -32.06
CA GLN C 314 14.09 8.96 -32.02
C GLN C 314 15.46 9.47 -32.44
N LYS C 315 15.52 10.21 -33.55
CA LYS C 315 16.79 10.74 -34.02
C LYS C 315 17.43 11.66 -33.00
N GLU C 316 16.67 12.62 -32.47
CA GLU C 316 17.24 13.61 -31.58
C GLU C 316 17.67 12.98 -30.26
N ILE C 317 16.84 12.11 -29.68
CA ILE C 317 17.19 11.48 -28.41
C ILE C 317 18.44 10.63 -28.59
N THR C 318 18.57 9.94 -29.73
CA THR C 318 19.74 9.11 -29.95
C THR C 318 21.02 9.95 -29.94
N ALA C 319 20.95 11.19 -30.45
CA ALA C 319 22.13 12.04 -30.47
C ALA C 319 22.51 12.54 -29.08
N LEU C 320 21.56 12.58 -28.15
CA LEU C 320 21.84 13.09 -26.80
C LEU C 320 22.18 11.98 -25.82
N ALA C 321 21.67 10.77 -26.04
CA ALA C 321 21.81 9.70 -25.08
C ALA C 321 23.14 8.98 -25.25
N PRO C 322 23.52 8.15 -24.29
CA PRO C 322 24.75 7.36 -24.44
C PRO C 322 24.70 6.53 -25.72
N SER C 323 25.88 6.31 -26.30
CA SER C 323 25.96 5.72 -27.64
C SER C 323 25.33 4.34 -27.73
N THR C 324 25.32 3.58 -26.63
CA THR C 324 24.80 2.21 -26.63
C THR C 324 23.34 2.12 -26.20
N MET C 325 22.69 3.24 -25.88
CA MET C 325 21.39 3.18 -25.24
C MET C 325 20.31 2.72 -26.21
N LYS C 326 19.45 1.82 -25.74
CA LYS C 326 18.28 1.40 -26.51
C LYS C 326 17.21 2.49 -26.39
N ILE C 327 16.77 3.03 -27.53
CA ILE C 327 15.80 4.11 -27.55
C ILE C 327 14.56 3.61 -28.29
N LYS C 328 13.38 3.87 -27.73
CA LYS C 328 12.13 3.54 -28.40
C LYS C 328 11.09 4.62 -28.12
N ILE C 329 10.51 5.17 -29.19
CA ILE C 329 9.45 6.15 -29.11
C ILE C 329 8.15 5.46 -29.51
N ILE C 330 7.14 5.54 -28.64
CA ILE C 330 5.84 4.92 -28.87
C ILE C 330 4.83 6.03 -29.09
N ALA C 331 4.17 6.01 -30.26
CA ALA C 331 3.15 6.98 -30.63
C ALA C 331 1.86 6.23 -30.93
N PRO C 332 1.04 5.95 -29.92
CA PRO C 332 -0.14 5.11 -30.14
C PRO C 332 -1.14 5.77 -31.07
N PRO C 333 -1.86 5.00 -31.88
CA PRO C 333 -2.87 5.60 -32.76
C PRO C 333 -3.93 6.41 -32.03
N GLU C 334 -4.24 6.08 -30.77
CA GLU C 334 -5.29 6.75 -30.02
C GLU C 334 -4.77 7.86 -29.12
N ARG C 335 -3.54 8.34 -29.38
CA ARG C 335 -2.87 9.22 -28.42
C ARG C 335 -3.57 10.57 -28.27
N LYS C 336 -4.43 10.94 -29.21
CA LYS C 336 -5.22 12.16 -29.02
C LYS C 336 -6.19 12.03 -27.86
N TYR C 337 -6.55 10.80 -27.45
CA TYR C 337 -7.48 10.58 -26.35
C TYR C 337 -6.94 9.56 -25.33
N SER C 338 -5.63 9.31 -25.33
CA SER C 338 -5.10 8.23 -24.50
C SER C 338 -5.21 8.57 -23.02
N VAL C 339 -5.14 9.85 -22.65
CA VAL C 339 -5.38 10.23 -21.27
C VAL C 339 -6.76 9.77 -20.83
N TRP C 340 -7.78 10.07 -21.64
CA TRP C 340 -9.13 9.65 -21.29
C TRP C 340 -9.25 8.14 -21.25
N ILE C 341 -8.70 7.47 -22.26
CA ILE C 341 -8.81 6.01 -22.33
C ILE C 341 -8.12 5.36 -21.13
N GLY C 342 -6.98 5.93 -20.71
CA GLY C 342 -6.32 5.41 -19.52
C GLY C 342 -7.20 5.51 -18.29
N GLY C 343 -7.90 6.63 -18.13
CA GLY C 343 -8.82 6.77 -17.01
C GLY C 343 -10.00 5.80 -17.10
N SER C 344 -10.49 5.57 -18.31
CA SER C 344 -11.53 4.57 -18.50
C SER C 344 -11.05 3.19 -18.06
N ILE C 345 -9.82 2.82 -18.42
CA ILE C 345 -9.28 1.53 -18.02
C ILE C 345 -9.12 1.49 -16.51
N LEU C 346 -8.50 2.53 -15.95
CA LEU C 346 -8.27 2.56 -14.50
C LEU C 346 -9.57 2.47 -13.72
N ALA C 347 -10.52 3.37 -14.01
CA ALA C 347 -11.75 3.41 -13.23
C ALA C 347 -12.57 2.13 -13.36
N SER C 348 -12.26 1.27 -14.33
CA SER C 348 -12.98 0.01 -14.50
C SER C 348 -12.30 -1.16 -13.81
N LEU C 349 -11.06 -1.00 -13.35
CA LEU C 349 -10.38 -2.08 -12.65
C LEU C 349 -11.00 -2.29 -11.28
N SER C 350 -11.29 -3.56 -10.96
CA SER C 350 -11.87 -3.88 -9.66
C SER C 350 -10.97 -3.44 -8.52
N THR C 351 -9.65 -3.51 -8.71
CA THR C 351 -8.73 -3.11 -7.65
C THR C 351 -8.77 -1.60 -7.42
N PHE C 352 -9.22 -0.81 -8.40
CA PHE C 352 -9.27 0.63 -8.24
C PHE C 352 -10.45 1.09 -7.40
N GLN C 353 -11.46 0.22 -7.21
CA GLN C 353 -12.65 0.63 -6.48
C GLN C 353 -12.34 1.05 -5.05
N GLN C 354 -11.25 0.56 -4.48
CA GLN C 354 -10.88 0.96 -3.14
C GLN C 354 -10.23 2.34 -3.09
N MET C 355 -9.71 2.85 -4.20
CA MET C 355 -9.03 4.14 -4.15
C MET C 355 -9.97 5.33 -4.28
N TRP C 356 -11.21 5.11 -4.71
CA TRP C 356 -12.19 6.19 -4.75
C TRP C 356 -12.23 6.92 -3.40
N ILE C 357 -12.36 8.24 -3.45
CA ILE C 357 -12.69 9.04 -2.27
C ILE C 357 -14.21 9.14 -2.21
N THR C 358 -14.79 8.62 -1.13
CA THR C 358 -16.23 8.56 -0.98
C THR C 358 -16.78 9.82 -0.31
N LYS C 359 -18.09 9.99 -0.44
CA LYS C 359 -18.77 11.05 0.30
C LYS C 359 -18.51 10.95 1.80
N GLN C 360 -18.48 9.72 2.31
CA GLN C 360 -18.21 9.52 3.74
C GLN C 360 -16.88 10.13 4.14
N GLU C 361 -15.84 9.91 3.32
CA GLU C 361 -14.49 10.33 3.69
C GLU C 361 -14.30 11.85 3.55
N TYR C 362 -14.93 12.47 2.56
CA TYR C 362 -14.80 13.93 2.44
C TYR C 362 -15.43 14.65 3.62
N ASP C 363 -16.60 14.17 4.07
CA ASP C 363 -17.27 14.83 5.18
C ASP C 363 -16.46 14.75 6.47
N GLU C 364 -15.61 13.74 6.61
CA GLU C 364 -14.77 13.64 7.81
C GLU C 364 -13.59 14.60 7.74
N ALA C 365 -12.80 14.53 6.67
CA ALA C 365 -11.55 15.26 6.58
C ALA C 365 -11.66 16.59 5.84
N GLY C 366 -12.58 16.71 4.89
CA GLY C 366 -12.67 17.89 4.08
C GLY C 366 -11.79 17.79 2.84
N PRO C 367 -11.60 18.90 2.13
CA PRO C 367 -10.85 18.84 0.87
C PRO C 367 -9.43 18.36 1.03
N SER C 368 -8.88 18.36 2.24
CA SER C 368 -7.50 17.93 2.45
C SER C 368 -7.30 16.46 2.13
N ILE C 369 -8.37 15.67 2.10
CA ILE C 369 -8.23 14.23 1.88
C ILE C 369 -7.68 13.90 0.51
N VAL C 370 -7.82 14.81 -0.47
CA VAL C 370 -7.35 14.53 -1.81
C VAL C 370 -5.84 14.37 -1.84
N HIS C 371 -5.14 14.94 -0.84
CA HIS C 371 -3.68 14.84 -0.82
C HIS C 371 -3.21 13.45 -0.42
N ARG C 372 -4.00 12.74 0.38
CA ARG C 372 -3.56 11.44 0.87
C ARG C 372 -3.99 10.30 -0.03
N LYS C 373 -5.18 10.38 -0.64
CA LYS C 373 -5.72 9.26 -1.41
C LYS C 373 -5.45 9.36 -2.91
N CYS C 374 -5.08 10.53 -3.42
CA CYS C 374 -4.78 10.67 -4.84
C CYS C 374 -3.27 10.84 -5.05
N MET D 3 20.05 -21.40 -3.26
CA MET D 3 18.81 -21.04 -2.52
C MET D 3 18.08 -19.90 -3.24
N VAL D 4 17.13 -20.27 -4.08
CA VAL D 4 16.37 -19.32 -4.89
C VAL D 4 14.98 -19.90 -5.12
N GLU D 5 13.97 -19.02 -5.06
CA GLU D 5 12.58 -19.40 -5.27
C GLU D 5 12.03 -18.70 -6.51
N ALA D 6 10.83 -19.10 -6.91
CA ALA D 6 10.18 -18.56 -8.09
C ALA D 6 8.67 -18.67 -7.92
N PHE D 7 7.97 -17.59 -8.25
CA PHE D 7 6.52 -17.50 -8.12
C PHE D 7 5.92 -17.06 -9.45
N GLU D 8 4.59 -16.99 -9.49
CA GLU D 8 3.88 -16.44 -10.64
C GLU D 8 2.66 -15.69 -10.15
N ILE D 9 2.41 -14.53 -10.73
CA ILE D 9 1.23 -13.73 -10.43
C ILE D 9 0.13 -14.11 -11.41
N ASP D 10 -0.97 -14.64 -10.88
CA ASP D 10 -2.00 -15.27 -11.70
C ASP D 10 -2.94 -14.24 -12.30
N SER D 11 -3.89 -14.73 -13.11
CA SER D 11 -4.88 -13.88 -13.75
C SER D 11 -5.95 -13.37 -12.79
N ASP D 12 -6.16 -14.03 -11.65
CA ASP D 12 -7.05 -13.54 -10.61
C ASP D 12 -6.27 -13.17 -9.34
N ALA D 13 -5.07 -12.67 -9.50
CA ALA D 13 -4.26 -11.96 -8.51
C ALA D 13 -3.58 -12.90 -7.52
N LYS D 14 -3.96 -14.16 -7.46
CA LYS D 14 -3.28 -15.08 -6.54
C LYS D 14 -1.83 -15.18 -6.97
N LEU D 15 -0.94 -15.46 -6.02
CA LEU D 15 0.45 -15.77 -6.33
C LEU D 15 0.73 -17.23 -6.01
N THR D 16 1.31 -17.94 -6.98
CA THR D 16 1.53 -19.37 -6.94
C THR D 16 3.00 -19.66 -7.22
N GLU D 17 3.53 -20.68 -6.55
CA GLU D 17 4.92 -21.07 -6.76
C GLU D 17 5.04 -21.85 -8.06
N THR D 18 6.22 -21.75 -8.68
CA THR D 18 6.49 -22.36 -9.97
C THR D 18 7.93 -22.85 -10.00
N LYS D 19 8.31 -23.54 -11.08
CA LYS D 19 9.68 -24.01 -11.21
C LYS D 19 10.56 -22.81 -11.52
N ALA D 20 11.81 -22.87 -11.09
CA ALA D 20 12.57 -21.67 -10.79
C ALA D 20 13.71 -21.34 -11.73
N ARG D 21 13.84 -22.03 -12.87
CA ARG D 21 14.89 -21.68 -13.82
C ARG D 21 14.44 -22.03 -15.24
N ALA D 22 15.27 -21.62 -16.20
CA ALA D 22 15.08 -21.94 -17.61
C ALA D 22 13.69 -21.57 -18.13
N SER D 23 12.93 -22.56 -18.57
CA SER D 23 11.76 -22.36 -19.43
C SER D 23 10.61 -21.60 -18.78
N THR D 24 10.71 -21.24 -17.50
CA THR D 24 9.57 -20.62 -16.83
C THR D 24 9.21 -19.28 -17.45
N ILE D 25 10.18 -18.61 -18.08
CA ILE D 25 9.93 -17.32 -18.71
C ILE D 25 8.99 -17.49 -19.89
N ASP D 26 7.96 -16.64 -19.95
CA ASP D 26 7.06 -16.55 -21.12
C ASP D 26 6.49 -15.14 -21.19
N THR D 27 6.19 -14.72 -22.43
CA THR D 27 5.98 -13.31 -22.74
C THR D 27 4.85 -12.66 -21.95
N GLU D 28 3.79 -13.38 -21.64
CA GLU D 28 2.65 -12.76 -20.95
C GLU D 28 2.60 -13.14 -19.47
N LYS D 29 3.72 -13.57 -18.90
CA LYS D 29 3.79 -13.88 -17.48
C LYS D 29 4.48 -12.73 -16.75
N VAL D 30 4.08 -12.53 -15.49
CA VAL D 30 4.82 -11.69 -14.56
C VAL D 30 5.31 -12.60 -13.44
N LEU D 31 6.61 -12.59 -13.20
CA LEU D 31 7.24 -13.55 -12.30
C LEU D 31 8.05 -12.84 -11.24
N VAL D 32 8.28 -13.55 -10.13
CA VAL D 32 9.11 -13.06 -9.03
C VAL D 32 10.13 -14.13 -8.69
N PHE D 33 11.39 -13.72 -8.56
CA PHE D 33 12.48 -14.61 -8.20
C PHE D 33 13.24 -14.00 -7.03
N ILE D 34 13.39 -14.76 -5.95
CA ILE D 34 14.05 -14.30 -4.73
C ILE D 34 15.45 -14.91 -4.67
N ASP D 35 16.47 -14.05 -4.70
CA ASP D 35 17.86 -14.48 -4.59
C ASP D 35 18.33 -14.14 -3.18
N HIS D 36 18.27 -15.13 -2.28
CA HIS D 36 18.62 -14.90 -0.89
C HIS D 36 20.09 -14.56 -0.73
N ASP D 37 20.96 -15.14 -1.56
CA ASP D 37 22.38 -14.82 -1.48
C ASP D 37 22.62 -13.33 -1.68
N GLU D 38 21.91 -12.73 -2.63
CA GLU D 38 22.13 -11.35 -3.00
C GLU D 38 21.16 -10.39 -2.33
N LYS D 39 20.30 -10.88 -1.44
CA LYS D 39 19.30 -10.04 -0.77
C LYS D 39 18.57 -9.18 -1.80
N THR D 40 17.98 -9.87 -2.79
CA THR D 40 17.38 -9.22 -3.94
C THR D 40 16.11 -9.94 -4.35
N ILE D 41 15.05 -9.17 -4.59
CA ILE D 41 13.78 -9.69 -5.11
C ILE D 41 13.64 -9.18 -6.54
N TYR D 42 13.71 -10.08 -7.52
CA TYR D 42 13.56 -9.72 -8.92
C TYR D 42 12.10 -9.82 -9.32
N LEU D 43 11.54 -8.73 -9.83
CA LEU D 43 10.19 -8.71 -10.39
C LEU D 43 10.33 -8.65 -11.91
N TRP D 44 10.09 -9.78 -12.56
CA TRP D 44 10.25 -9.95 -14.00
C TRP D 44 8.92 -9.80 -14.70
N ARG D 45 8.88 -8.93 -15.73
CA ARG D 45 7.69 -8.73 -16.54
C ARG D 45 7.98 -9.10 -17.99
N GLY D 46 7.04 -9.82 -18.61
CA GLY D 46 7.16 -10.15 -20.01
C GLY D 46 6.76 -9.00 -20.92
N ALA D 47 7.14 -9.14 -22.20
CA ALA D 47 6.87 -8.07 -23.17
C ALA D 47 5.37 -7.81 -23.30
N LYS D 48 4.59 -8.88 -23.34
CA LYS D 48 3.13 -8.80 -23.46
C LYS D 48 2.44 -9.02 -22.12
N ALA D 49 3.10 -8.62 -21.03
CA ALA D 49 2.45 -8.66 -19.73
C ALA D 49 1.35 -7.60 -19.73
N GLU D 50 0.11 -8.04 -19.54
CA GLU D 50 -1.02 -7.14 -19.52
C GLU D 50 -0.92 -6.19 -18.33
N LEU D 51 -1.34 -4.94 -18.55
CA LEU D 51 -1.29 -3.90 -17.53
C LEU D 51 -1.73 -4.42 -16.17
N PHE D 52 -2.69 -5.35 -16.18
CA PHE D 52 -3.31 -5.78 -14.93
C PHE D 52 -2.36 -6.61 -14.07
N LYS D 53 -1.53 -7.46 -14.69
CA LYS D 53 -0.56 -8.21 -13.90
C LYS D 53 0.61 -7.33 -13.46
N LYS D 54 1.06 -6.42 -14.33
CA LYS D 54 2.14 -5.51 -13.96
C LYS D 54 1.78 -4.72 -12.70
N LEU D 55 0.58 -4.14 -12.67
CA LEU D 55 0.13 -3.44 -11.46
C LEU D 55 0.14 -4.37 -10.26
N MET D 56 -0.23 -5.63 -10.46
CA MET D 56 -0.30 -6.54 -9.33
CA MET D 56 -0.30 -6.61 -9.38
C MET D 56 1.07 -7.11 -8.98
N GLY D 57 1.94 -7.36 -9.96
CA GLY D 57 3.28 -7.80 -9.65
C GLY D 57 3.99 -6.85 -8.71
N THR D 58 3.76 -5.55 -8.90
CA THR D 58 4.30 -4.56 -7.98
C THR D 58 3.76 -4.77 -6.56
N ARG D 59 2.45 -5.04 -6.43
CA ARG D 59 1.90 -5.28 -5.11
C ARG D 59 2.34 -6.62 -4.53
N VAL D 60 2.55 -7.62 -5.39
CA VAL D 60 3.01 -8.92 -4.91
C VAL D 60 4.45 -8.83 -4.42
N ALA D 61 5.31 -8.17 -5.18
CA ALA D 61 6.68 -7.98 -4.73
C ALA D 61 6.71 -7.22 -3.41
N ALA D 62 5.84 -6.22 -3.25
CA ALA D 62 5.81 -5.45 -2.02
C ALA D 62 5.38 -6.31 -0.84
N LYS D 63 4.43 -7.22 -1.06
CA LYS D 63 3.96 -8.06 0.04
C LYS D 63 5.03 -9.07 0.43
N LEU D 64 5.66 -9.72 -0.57
CA LEU D 64 6.79 -10.60 -0.30
C LEU D 64 7.92 -9.85 0.39
N SER D 65 8.11 -8.57 0.07
CA SER D 65 9.16 -7.79 0.69
C SER D 65 8.90 -7.53 2.17
N HIS D 66 7.67 -7.76 2.65
CA HIS D 66 7.41 -7.68 4.09
C HIS D 66 8.10 -8.81 4.83
N ASN D 67 8.32 -9.94 4.15
CA ASN D 67 9.06 -11.05 4.73
C ASN D 67 10.55 -10.78 4.76
N TYR D 68 11.06 -10.00 3.80
CA TYR D 68 12.48 -9.71 3.65
C TYR D 68 12.65 -8.21 3.47
N PRO D 69 12.41 -7.44 4.53
CA PRO D 69 12.23 -5.98 4.37
C PRO D 69 13.50 -5.23 3.96
N LYS D 70 14.67 -5.84 4.07
CA LYS D 70 15.91 -5.18 3.68
C LYS D 70 16.46 -5.73 2.36
N TYR D 71 15.74 -6.61 1.70
CA TYR D 71 16.13 -7.03 0.36
C TYR D 71 15.86 -5.92 -0.65
N ARG D 72 16.63 -5.94 -1.73
CA ARG D 72 16.46 -5.00 -2.83
C ARG D 72 15.39 -5.53 -3.77
N ILE D 73 14.43 -4.66 -4.14
CA ILE D 73 13.44 -4.99 -5.14
C ILE D 73 13.91 -4.43 -6.47
N ARG D 74 14.00 -5.30 -7.49
CA ARG D 74 14.52 -4.93 -8.80
C ARG D 74 13.53 -5.32 -9.88
N PRO D 75 12.67 -4.38 -10.31
CA PRO D 75 11.82 -4.65 -11.48
C PRO D 75 12.66 -4.72 -12.74
N ILE D 76 12.54 -5.85 -13.46
CA ILE D 76 13.27 -6.06 -14.70
C ILE D 76 12.30 -6.52 -15.77
N THR D 77 12.73 -6.41 -17.02
CA THR D 77 11.86 -6.61 -18.18
C THR D 77 12.50 -7.58 -19.15
N GLU D 78 11.66 -8.39 -19.79
CA GLU D 78 12.14 -9.36 -20.76
C GLU D 78 12.94 -8.67 -21.86
N GLY D 79 14.15 -9.16 -22.11
CA GLY D 79 15.00 -8.65 -23.15
C GLY D 79 16.11 -7.73 -22.69
N SER D 80 16.02 -7.22 -21.46
CA SER D 80 17.04 -6.31 -20.94
C SER D 80 17.35 -6.59 -19.48
N GLU D 81 17.30 -7.86 -19.08
CA GLU D 81 17.56 -8.22 -17.70
C GLU D 81 19.04 -8.01 -17.36
N PRO D 82 19.36 -7.74 -16.10
CA PRO D 82 20.77 -7.66 -15.71
C PRO D 82 21.45 -9.02 -15.80
N ALA D 83 22.77 -8.99 -16.01
CA ALA D 83 23.53 -10.22 -16.11
C ALA D 83 23.39 -11.07 -14.86
N ALA D 84 23.37 -10.43 -13.68
CA ALA D 84 23.24 -11.18 -12.44
C ALA D 84 22.00 -12.05 -12.46
N PHE D 85 20.89 -11.53 -13.00
CA PHE D 85 19.68 -12.32 -13.14
C PHE D 85 19.92 -13.49 -14.09
N LEU D 86 20.55 -13.24 -15.24
CA LEU D 86 20.70 -14.28 -16.26
C LEU D 86 21.48 -15.48 -15.74
N ASP D 87 22.63 -15.23 -15.08
CA ASP D 87 23.38 -16.32 -14.49
C ASP D 87 22.56 -17.06 -13.45
N LEU D 88 21.75 -16.33 -12.66
CA LEU D 88 20.93 -16.97 -11.64
C LEU D 88 20.03 -18.04 -12.26
N LEU D 89 19.53 -17.80 -13.48
CA LEU D 89 18.59 -18.68 -14.16
C LEU D 89 19.26 -19.61 -15.16
N GLY D 90 20.39 -19.22 -15.74
CA GLY D 90 21.07 -20.05 -16.71
C GLY D 90 22.32 -19.40 -17.28
#